data_7YDJ
#
_entry.id   7YDJ
#
_cell.length_a   1.00
_cell.length_b   1.00
_cell.length_c   1.00
_cell.angle_alpha   90.00
_cell.angle_beta   90.00
_cell.angle_gamma   90.00
#
_symmetry.space_group_name_H-M   'P 1'
#
loop_
_entity.id
_entity.type
_entity.pdbx_description
1 polymer 'engineered mini-G12'
2 polymer 'Guanine nucleotide-binding protein G(I)/G(S)/G(T) subunit beta-1'
3 polymer scFv16
4 polymer 'Guanine nucleotide-binding protein G(I)/G(S)/G(O) subunit gamma-2'
5 polymer 'Adhesion G protein-coupled receptor E5 subunit beta'
#
loop_
_entity_poly.entity_id
_entity_poly.type
_entity_poly.pdbx_seq_one_letter_code
_entity_poly.pdbx_strand_id
1 'polypeptide(L)'
;MMGCTLSAEDKAAVERSKMIDALLARERRAVRRLVKILLLGADNSGKSTFLKQMRIIHVNGYSEEECKQYKAVVYSNTIQ
SIIAIIRAMGRLKIDFGDSARADDARQLFVLAGAAEEGFMTAELAGVIKRLWKDSGVQACFNRSREYQLNDSAAYYLNDL
DRIAQPNYIPTQQDVLRTRVKTKGIVEHDFVIKKIPFKMVDVGAQRSQRQKWFQCFDGITSILFMVDSSDYNRLVESMND
FETIVNNKLFFNVSIILFLNKMDLLVEKVKTVSIKKHFPDFRGDPHRLEDVQRYLVQCFDRKRRNRSKPLFHHFTTSIDT
ENARFIFHAVKDTILQENLKDIMLQ
;
A
2 'polypeptide(L)'
;MGSLLQSELDQLRQEAEQLKNQIRDARKACADATLSQITNNIDPVGRIQMRTRRTLRGHLAKIYAMHWGTDSRLLVSASQ
DGKLIIWDSYTTNKVHAIPLRSSWVMTCAYAPSGNYVACGGLDNICSIYNLKTREGNVRVSRELAGHTGYLSCCRFLDDN
QIVTSSGDTTCALWDIETGQQTTTFTGHTGDVMSLSLAPDTRLFVSGACDASAKLWDVREGMCRQTFTGHESDINAICFF
PNGNAFATGSDDATCRLFDLRADQELMTYSHDNIICGITSVSFSKSGRLLLAGYDDFNCNVWDALKADRAGVLAGHDNRV
SCLGVTDDGMAVATGSWDSFLKIWN
;
B
3 'polypeptide(L)'
;VQLVESGGGLVQPGGSRKLSCSASGFAFSSFGMHWVRQAPEKGLEWVAYISSGSGTIYYADTVKGRFTISRDDPKNTLFL
QMTSLRSEDTAMYYCVRSIYYYGSSPFDFWGQGTTLTVSAGGGGSGGGGSGGGGSSDIVMTQATSSVPVTPGESVSISCR
SSKSLLHSNGNTYLYWFLQRPGQSPQLLIYRMSNLASGVPDRFSGSGSGTAFTLTISRLEAEDVGVYYCMQHLEYPLTFG
AGTKLEL
;
E
4 'polypeptide(L)' MASNNTASIAQARKLVEQLKMEANIDRIKVSKAAADLMAYCEAHAKEDPLLTPVPASENPFREKKFFCAIL G
5 'polypeptide(L)'
;MSSFAILMAHYDVEDWKLTLITRVGLALSLFCLLLCILTFLLVRPIQGSRTTIHLHLCICLFVGSTIFLAGIENEGGQVG
LRCRLVAGLLHYCFLAAFCWMSLEGLELYFLVVRVFQGQGLSTRWLCLIGYGVPLLIVGVSAAIYSKGYGRPRYCWLDFE
QGFLWSFLGPVTFIILCNAVIFVTTVWKLTQKFSEINPDMKKLKKARALTITAIAQLFLLGCTWVFGLFIFDDRSLVLTY
VFTILNCLQGAFLYLLHCLLNKKVREEYRKWACLVAGGSKYSEFTSTTSGTGHNQTRALRASESGIL
;
R
#
# COMPACT_ATOMS: atom_id res chain seq x y z
N LEU A 6 -26.84 5.28 4.97
CA LEU A 6 -26.14 4.80 6.16
C LEU A 6 -26.71 5.43 7.43
N SER A 7 -27.04 4.59 8.42
CA SER A 7 -27.60 5.10 9.65
C SER A 7 -27.26 4.27 10.88
N ALA A 8 -26.64 4.91 11.86
CA ALA A 8 -26.60 4.52 13.27
C ALA A 8 -25.70 3.33 13.57
N GLU A 9 -25.23 2.62 12.55
CA GLU A 9 -24.11 1.72 12.74
C GLU A 9 -23.02 1.92 11.70
N ASP A 10 -23.37 2.15 10.44
CA ASP A 10 -22.37 2.41 9.43
C ASP A 10 -21.53 3.62 9.81
N LYS A 11 -22.16 4.64 10.41
CA LYS A 11 -21.41 5.78 10.91
C LYS A 11 -20.29 5.34 11.83
N ALA A 12 -20.62 4.49 12.81
CA ALA A 12 -19.56 3.97 13.68
C ALA A 12 -18.53 3.21 12.86
N ALA A 13 -18.99 2.37 11.93
CA ALA A 13 -18.07 1.61 11.10
C ALA A 13 -17.21 2.51 10.21
N VAL A 14 -17.57 3.79 10.06
CA VAL A 14 -16.69 4.71 9.36
C VAL A 14 -15.52 5.11 10.25
N GLU A 15 -15.81 5.47 11.50
CA GLU A 15 -14.77 5.97 12.40
C GLU A 15 -13.63 5.00 12.51
N ARG A 16 -13.95 3.73 12.78
CA ARG A 16 -12.93 2.69 12.89
C ARG A 16 -11.98 2.74 11.70
N SER A 17 -12.54 2.76 10.49
CA SER A 17 -11.71 2.78 9.31
C SER A 17 -10.74 3.94 9.34
N LYS A 18 -11.23 5.14 9.64
CA LYS A 18 -10.36 6.31 9.63
C LYS A 18 -9.22 6.13 10.61
N MET A 19 -9.50 5.57 11.79
CA MET A 19 -8.44 5.42 12.77
C MET A 19 -7.31 4.58 12.22
N ILE A 20 -7.62 3.52 11.47
CA ILE A 20 -6.58 2.69 10.90
C ILE A 20 -5.70 3.52 9.98
N ASP A 21 -6.32 4.33 9.12
CA ASP A 21 -5.55 5.20 8.23
C ASP A 21 -4.55 6.04 9.02
N ALA A 22 -4.97 6.56 10.17
CA ALA A 22 -4.07 7.38 10.96
C ALA A 22 -2.75 6.66 11.21
N LEU A 23 -2.83 5.42 11.70
CA LEU A 23 -1.60 4.71 12.02
C LEU A 23 -0.74 4.54 10.77
N LEU A 24 -1.36 4.19 9.64
CA LEU A 24 -0.59 4.02 8.42
C LEU A 24 0.09 5.32 8.03
N ALA A 25 -0.60 6.44 8.21
CA ALA A 25 0.01 7.72 7.83
C ALA A 25 1.23 8.01 8.67
N ARG A 26 1.33 7.45 9.87
CA ARG A 26 2.55 7.63 10.65
C ARG A 26 3.68 6.78 10.09
N GLU A 27 3.38 5.55 9.69
CA GLU A 27 4.44 4.63 9.29
C GLU A 27 5.18 5.16 8.07
N ARG A 28 4.45 5.73 7.10
CA ARG A 28 5.08 6.27 5.91
C ARG A 28 6.06 7.39 6.23
N ARG A 29 5.91 8.06 7.37
CA ARG A 29 6.84 9.12 7.73
C ARG A 29 8.15 8.60 8.29
N ALA A 30 8.28 7.31 8.53
CA ALA A 30 9.53 6.73 9.01
C ALA A 30 10.21 5.84 7.99
N VAL A 31 9.44 5.07 7.22
CA VAL A 31 10.00 4.23 6.17
C VAL A 31 10.81 5.05 5.18
N ARG A 32 10.44 6.31 4.97
CA ARG A 32 11.14 7.18 4.04
C ARG A 32 12.54 7.54 4.50
N ARG A 33 12.89 7.29 5.75
CA ARG A 33 14.17 7.76 6.28
C ARG A 33 15.23 6.66 6.39
N LEU A 34 14.92 5.44 5.98
CA LEU A 34 15.76 4.29 6.26
C LEU A 34 16.63 3.95 5.05
N VAL A 35 17.87 3.51 5.33
CA VAL A 35 18.82 3.12 4.28
C VAL A 35 19.05 1.63 4.34
N LYS A 36 18.85 0.95 3.22
CA LYS A 36 18.97 -0.50 3.13
C LYS A 36 20.28 -0.88 2.46
N ILE A 37 21.02 -1.80 3.07
CA ILE A 37 22.31 -2.25 2.58
C ILE A 37 22.32 -3.77 2.58
N LEU A 38 22.74 -4.38 1.47
CA LEU A 38 22.69 -5.83 1.34
C LEU A 38 24.09 -6.42 1.44
N LEU A 39 24.26 -7.43 2.29
CA LEU A 39 25.56 -7.92 2.70
C LEU A 39 25.81 -9.33 2.18
N LEU A 40 26.97 -9.54 1.55
CA LEU A 40 27.35 -10.85 1.04
C LEU A 40 28.85 -11.09 1.25
N GLY A 41 29.19 -12.37 1.37
CA GLY A 41 30.57 -12.77 1.54
C GLY A 41 30.70 -14.18 2.09
N ALA A 42 31.63 -14.95 1.55
CA ALA A 42 31.84 -16.32 2.02
C ALA A 42 32.63 -16.37 3.33
N ASP A 43 33.24 -15.28 3.75
CA ASP A 43 34.03 -15.26 4.98
C ASP A 43 33.06 -15.25 6.17
N ASN A 44 32.71 -16.45 6.62
CA ASN A 44 31.81 -16.58 7.75
C ASN A 44 32.41 -15.97 9.02
N SER A 45 33.70 -16.23 9.27
CA SER A 45 34.34 -15.66 10.45
C SER A 45 34.42 -14.14 10.35
N GLY A 46 34.79 -13.62 9.18
CA GLY A 46 34.84 -12.17 9.02
C GLY A 46 33.47 -11.53 9.17
N LYS A 47 32.45 -12.14 8.57
CA LYS A 47 31.09 -11.62 8.71
C LYS A 47 30.65 -11.62 10.16
N SER A 48 30.91 -12.72 10.86
CA SER A 48 30.52 -12.79 12.27
C SER A 48 31.24 -11.74 13.11
N THR A 49 32.54 -11.57 12.88
CA THR A 49 33.31 -10.60 13.65
C THR A 49 32.82 -9.18 13.39
N PHE A 50 32.61 -8.83 12.13
CA PHE A 50 32.14 -7.49 11.80
C PHE A 50 30.76 -7.23 12.38
N LEU A 51 29.87 -8.22 12.30
CA LEU A 51 28.53 -8.06 12.87
C LEU A 51 28.59 -7.88 14.38
N LYS A 52 29.43 -8.66 15.06
CA LYS A 52 29.55 -8.54 16.50
C LYS A 52 30.07 -7.17 16.89
N GLN A 53 31.06 -6.66 16.14
CA GLN A 53 31.58 -5.33 16.42
C GLN A 53 30.51 -4.27 16.24
N MET A 54 29.72 -4.37 15.17
CA MET A 54 28.66 -3.40 14.94
C MET A 54 27.59 -3.47 16.04
N ARG A 55 27.25 -4.68 16.48
CA ARG A 55 26.27 -4.82 17.55
C ARG A 55 26.79 -4.22 18.86
N ILE A 56 28.07 -4.44 19.16
CA ILE A 56 28.65 -3.88 20.37
C ILE A 56 28.67 -2.36 20.29
N ILE A 57 28.92 -1.81 19.10
CA ILE A 57 28.82 -0.36 18.91
C ILE A 57 27.39 0.11 19.19
N HIS A 58 26.41 -0.60 18.63
CA HIS A 58 25.02 -0.18 18.78
C HIS A 58 24.56 -0.24 20.23
N VAL A 59 24.99 -1.24 20.97
CA VAL A 59 24.63 -1.37 22.38
C VAL A 59 25.52 -0.49 23.23
N LYS A 183 17.84 -20.75 9.28
CA LYS A 183 18.34 -19.40 9.44
C LYS A 183 17.46 -18.39 8.71
N GLY A 184 17.26 -18.62 7.41
CA GLY A 184 16.43 -17.71 6.63
C GLY A 184 17.12 -16.38 6.43
N ILE A 185 16.49 -15.31 6.90
CA ILE A 185 17.00 -13.96 6.77
C ILE A 185 17.15 -13.38 8.17
N VAL A 186 18.31 -12.79 8.45
CA VAL A 186 18.59 -12.18 9.75
C VAL A 186 18.87 -10.70 9.53
N GLU A 187 17.86 -9.88 9.72
CA GLU A 187 17.99 -8.44 9.54
C GLU A 187 18.54 -7.79 10.80
N HIS A 188 19.51 -6.91 10.62
CA HIS A 188 20.07 -6.12 11.71
C HIS A 188 19.79 -4.64 11.47
N ASP A 189 19.60 -3.89 12.55
CA ASP A 189 19.31 -2.47 12.49
C ASP A 189 20.27 -1.70 13.37
N PHE A 190 20.71 -0.53 12.91
CA PHE A 190 21.50 0.33 13.78
C PHE A 190 21.46 1.77 13.27
N VAL A 191 22.23 2.63 13.93
CA VAL A 191 22.30 4.06 13.61
C VAL A 191 23.73 4.52 13.73
N ILE A 192 24.14 5.44 12.85
CA ILE A 192 25.52 5.91 12.78
C ILE A 192 25.65 7.36 13.25
N LYS A 193 25.01 8.29 12.55
CA LYS A 193 25.03 9.70 12.90
C LYS A 193 23.63 10.27 12.83
N LYS A 194 22.70 9.61 13.51
CA LYS A 194 21.27 9.95 13.56
C LYS A 194 20.57 9.60 12.25
N ILE A 195 21.06 8.59 11.55
CA ILE A 195 20.42 8.07 10.35
C ILE A 195 20.18 6.58 10.55
N PRO A 196 19.00 6.06 10.23
CA PRO A 196 18.72 4.63 10.44
C PRO A 196 19.20 3.76 9.29
N PHE A 197 19.95 2.71 9.62
CA PHE A 197 20.50 1.76 8.66
C PHE A 197 19.95 0.37 8.95
N LYS A 198 19.65 -0.37 7.90
CA LYS A 198 19.22 -1.76 7.99
C LYS A 198 20.05 -2.62 7.05
N MET A 199 20.56 -3.72 7.57
CA MET A 199 21.36 -4.68 6.82
C MET A 199 20.65 -6.02 6.78
N VAL A 200 20.47 -6.57 5.58
CA VAL A 200 19.62 -7.76 5.43
C VAL A 200 20.40 -9.03 5.76
N ASP A 201 21.58 -9.18 5.19
CA ASP A 201 22.51 -10.24 5.57
C ASP A 201 21.89 -11.62 5.37
N VAL A 202 21.61 -11.95 4.12
CA VAL A 202 21.08 -13.26 3.77
C VAL A 202 22.10 -14.32 4.11
N SER A 207 17.14 -21.96 -4.26
CA SER A 207 18.38 -22.15 -5.00
C SER A 207 18.47 -21.20 -6.19
N GLN A 208 17.34 -21.00 -6.85
CA GLN A 208 17.28 -20.08 -7.98
C GLN A 208 17.35 -18.64 -7.49
N ARG A 209 18.56 -18.07 -7.50
CA ARG A 209 18.76 -16.74 -6.93
C ARG A 209 18.06 -15.64 -7.73
N GLN A 210 17.68 -15.92 -8.98
CA GLN A 210 17.03 -14.90 -9.79
C GLN A 210 15.69 -14.47 -9.19
N LYS A 211 14.90 -15.41 -8.70
CA LYS A 211 13.63 -15.05 -8.06
C LYS A 211 13.84 -14.60 -6.63
N TRP A 212 14.88 -15.10 -5.98
CA TRP A 212 15.22 -14.69 -4.62
C TRP A 212 15.65 -13.23 -4.57
N PHE A 213 16.28 -12.72 -5.63
CA PHE A 213 16.78 -11.35 -5.65
C PHE A 213 15.79 -10.32 -6.14
N GLN A 214 14.58 -10.72 -6.54
CA GLN A 214 13.61 -9.72 -7.00
C GLN A 214 13.05 -8.88 -5.86
N CYS A 215 13.20 -9.32 -4.62
CA CYS A 215 12.59 -8.65 -3.47
C CYS A 215 13.46 -7.55 -2.87
N PHE A 216 14.63 -7.29 -3.43
CA PHE A 216 15.54 -6.27 -2.92
C PHE A 216 15.72 -5.13 -3.90
N ASP A 217 14.63 -4.64 -4.49
CA ASP A 217 14.72 -3.64 -5.54
C ASP A 217 14.94 -2.23 -5.00
N GLY A 218 14.79 -2.02 -3.69
CA GLY A 218 14.92 -0.68 -3.15
C GLY A 218 16.20 -0.45 -2.36
N ILE A 219 17.25 -1.18 -2.70
CA ILE A 219 18.51 -1.11 -1.96
C ILE A 219 19.32 0.11 -2.40
N THR A 220 20.36 0.42 -1.66
CA THR A 220 21.30 1.49 -1.99
C THR A 220 22.71 1.00 -2.24
N SER A 221 23.13 -0.11 -1.64
CA SER A 221 24.49 -0.59 -1.80
C SER A 221 24.60 -2.07 -1.48
N ILE A 222 25.61 -2.70 -2.07
CA ILE A 222 25.96 -4.10 -1.81
C ILE A 222 27.35 -4.13 -1.20
N LEU A 223 27.47 -4.78 -0.05
CA LEU A 223 28.70 -4.85 0.74
C LEU A 223 29.28 -6.24 0.60
N PHE A 224 30.42 -6.35 -0.07
CA PHE A 224 31.00 -7.62 -0.47
C PHE A 224 32.29 -7.82 0.29
N MET A 225 32.41 -8.91 1.02
CA MET A 225 33.59 -9.13 1.85
C MET A 225 34.46 -10.26 1.29
N VAL A 226 35.78 -10.07 1.36
CA VAL A 226 36.74 -10.97 0.73
C VAL A 226 37.84 -11.31 1.72
N ASP A 227 38.27 -12.57 1.69
CA ASP A 227 39.41 -13.02 2.48
C ASP A 227 40.66 -12.87 1.62
N SER A 228 41.76 -12.50 2.25
CA SER A 228 42.97 -12.16 1.53
C SER A 228 44.17 -13.01 1.89
N SER A 229 44.38 -13.29 3.17
CA SER A 229 45.54 -14.06 3.61
C SER A 229 45.24 -15.56 3.56
N ASP A 230 44.94 -16.04 2.37
CA ASP A 230 44.73 -17.46 2.16
C ASP A 230 45.78 -18.06 1.21
N ASN A 232 44.45 -21.36 -3.73
CA ASN A 232 43.76 -20.67 -2.65
C ASN A 232 42.26 -20.57 -2.90
N ARG A 233 41.66 -19.44 -2.51
CA ARG A 233 40.22 -19.25 -2.67
C ARG A 233 39.88 -17.98 -3.44
N LEU A 234 40.81 -17.43 -4.22
CA LEU A 234 40.59 -16.11 -4.79
C LEU A 234 39.88 -16.16 -6.13
N VAL A 235 40.21 -17.14 -6.98
CA VAL A 235 39.61 -17.17 -8.32
C VAL A 235 38.11 -17.45 -8.23
N GLU A 236 37.70 -18.28 -7.26
CA GLU A 236 36.28 -18.52 -7.05
C GLU A 236 35.56 -17.26 -6.57
N SER A 237 36.18 -16.51 -5.67
CA SER A 237 35.57 -15.26 -5.21
C SER A 237 35.44 -14.26 -6.35
N MET A 238 36.45 -14.19 -7.22
CA MET A 238 36.36 -13.33 -8.38
C MET A 238 35.22 -13.75 -9.29
N ASN A 239 35.05 -15.07 -9.49
CA ASN A 239 33.95 -15.55 -10.32
C ASN A 239 32.60 -15.18 -9.72
N ASP A 240 32.44 -15.36 -8.41
CA ASP A 240 31.18 -14.99 -7.77
C ASP A 240 30.93 -13.49 -7.88
N PHE A 241 31.98 -12.69 -7.71
CA PHE A 241 31.85 -11.24 -7.88
C PHE A 241 31.33 -10.90 -9.27
N GLU A 242 31.93 -11.51 -10.29
CA GLU A 242 31.53 -11.21 -11.66
C GLU A 242 30.08 -11.61 -11.90
N THR A 243 29.66 -12.76 -11.35
CA THR A 243 28.27 -13.17 -11.51
C THR A 243 27.32 -12.20 -10.82
N ILE A 244 27.68 -11.71 -9.63
CA ILE A 244 26.77 -10.89 -8.84
C ILE A 244 26.66 -9.47 -9.41
N VAL A 245 27.79 -8.82 -9.67
CA VAL A 245 27.76 -7.39 -10.03
C VAL A 245 27.15 -7.18 -11.40
N ASN A 246 27.42 -8.07 -12.35
CA ASN A 246 26.95 -7.88 -13.72
C ASN A 246 25.56 -8.48 -13.89
N ASN A 247 24.60 -7.85 -13.26
CA ASN A 247 23.22 -8.32 -13.31
C ASN A 247 22.31 -7.18 -13.75
N LYS A 248 21.16 -7.56 -14.32
CA LYS A 248 20.23 -6.57 -14.84
C LYS A 248 19.64 -5.71 -13.72
N LEU A 249 19.34 -6.32 -12.58
CA LEU A 249 18.57 -5.67 -11.52
C LEU A 249 19.44 -4.84 -10.58
N PHE A 250 20.73 -4.78 -10.80
CA PHE A 250 21.65 -4.02 -9.96
C PHE A 250 22.38 -2.96 -10.76
N PHE A 251 21.67 -2.25 -11.62
CA PHE A 251 22.30 -1.21 -12.43
C PHE A 251 22.58 0.06 -11.66
N ASN A 252 21.71 0.42 -10.71
CA ASN A 252 21.81 1.67 -9.98
C ASN A 252 22.25 1.46 -8.53
N VAL A 253 23.11 0.48 -8.30
CA VAL A 253 23.58 0.12 -6.97
C VAL A 253 25.10 0.21 -6.96
N SER A 254 25.64 0.77 -5.89
CA SER A 254 27.09 0.81 -5.71
C SER A 254 27.56 -0.43 -4.96
N ILE A 255 28.86 -0.70 -5.10
CA ILE A 255 29.49 -1.88 -4.52
C ILE A 255 30.61 -1.42 -3.59
N ILE A 256 30.49 -1.75 -2.32
CA ILE A 256 31.58 -1.53 -1.37
C ILE A 256 32.31 -2.86 -1.19
N LEU A 257 33.63 -2.81 -1.18
CA LEU A 257 34.47 -4.01 -1.17
C LEU A 257 35.37 -3.98 0.06
N PHE A 258 35.20 -4.96 0.93
CA PHE A 258 36.01 -5.08 2.13
C PHE A 258 37.03 -6.19 1.94
N LEU A 259 38.27 -5.91 2.28
CA LEU A 259 39.32 -6.92 2.30
C LEU A 259 39.70 -7.16 3.75
N ASN A 260 39.57 -8.39 4.20
CA ASN A 260 39.70 -8.69 5.62
C ASN A 260 40.99 -9.46 5.88
N LYS A 261 41.39 -9.48 7.16
CA LYS A 261 42.52 -10.26 7.64
C LYS A 261 43.83 -9.84 6.95
N MET A 262 44.22 -8.59 7.21
CA MET A 262 45.46 -8.08 6.66
C MET A 262 46.69 -8.40 7.50
N ASP A 263 46.53 -8.66 8.80
CA ASP A 263 47.68 -8.96 9.64
C ASP A 263 48.32 -10.28 9.24
N LEU A 264 47.50 -11.30 9.02
CA LEU A 264 48.03 -12.58 8.56
C LEU A 264 48.68 -12.43 7.19
N LEU A 265 48.16 -11.53 6.36
CA LEU A 265 48.78 -11.28 5.07
C LEU A 265 50.14 -10.61 5.23
N VAL A 266 50.27 -9.71 6.21
CA VAL A 266 51.57 -9.13 6.51
C VAL A 266 52.56 -10.21 6.91
N GLU A 267 52.12 -11.12 7.78
CA GLU A 267 52.98 -12.23 8.19
C GLU A 267 53.36 -13.10 7.00
N LYS A 268 52.42 -13.37 6.11
CA LYS A 268 52.68 -14.25 4.99
C LYS A 268 53.44 -13.58 3.85
N VAL A 269 53.50 -12.26 3.82
CA VAL A 269 54.36 -11.59 2.85
C VAL A 269 55.75 -11.31 3.43
N LYS A 270 55.89 -11.31 4.75
CA LYS A 270 57.24 -11.34 5.32
C LYS A 270 57.95 -12.64 4.95
N THR A 271 57.25 -13.77 5.03
CA THR A 271 57.76 -15.06 4.59
C THR A 271 57.16 -15.31 3.21
N VAL A 272 57.87 -14.84 2.17
CA VAL A 272 57.30 -14.74 0.84
C VAL A 272 56.93 -16.12 0.31
N SER A 273 55.70 -16.25 -0.18
CA SER A 273 55.27 -17.40 -0.97
C SER A 273 55.18 -16.96 -2.43
N ILE A 274 55.89 -17.68 -3.30
CA ILE A 274 55.98 -17.28 -4.69
C ILE A 274 54.60 -17.27 -5.34
N LYS A 275 54.31 -16.22 -6.09
CA LYS A 275 53.03 -16.13 -6.78
C LYS A 275 52.97 -17.18 -7.88
N LYS A 276 51.96 -18.05 -7.80
CA LYS A 276 51.88 -19.21 -8.68
C LYS A 276 51.75 -18.79 -10.15
N HIS A 277 50.79 -17.92 -10.44
CA HIS A 277 50.50 -17.52 -11.81
C HIS A 277 50.31 -16.03 -12.00
N PHE A 278 49.97 -15.28 -10.96
CA PHE A 278 49.66 -13.87 -11.10
C PHE A 278 50.91 -13.11 -11.54
N PRO A 279 50.82 -12.27 -12.57
CA PRO A 279 51.98 -11.44 -12.95
C PRO A 279 52.24 -10.32 -11.95
N ASP A 280 52.62 -10.69 -10.72
CA ASP A 280 52.97 -9.72 -9.68
C ASP A 280 54.32 -9.11 -10.03
N PHE A 281 54.29 -8.15 -10.96
CA PHE A 281 55.51 -7.65 -11.56
C PHE A 281 56.46 -7.05 -10.54
N ARG A 282 55.94 -6.51 -9.44
CA ARG A 282 56.75 -5.72 -8.52
C ARG A 282 56.74 -6.34 -7.12
N GLY A 283 57.92 -6.38 -6.51
CA GLY A 283 58.04 -6.71 -5.10
C GLY A 283 57.52 -8.08 -4.72
N ASP A 284 57.56 -9.03 -5.65
CA ASP A 284 57.06 -10.37 -5.33
C ASP A 284 57.79 -10.97 -4.14
N PRO A 285 59.17 -10.98 -4.08
CA PRO A 285 59.86 -11.37 -2.84
C PRO A 285 60.00 -10.21 -1.86
N HIS A 286 58.91 -9.48 -1.66
CA HIS A 286 58.92 -8.27 -0.84
C HIS A 286 57.54 -8.16 -0.19
N ARG A 287 57.24 -6.98 0.33
CA ARG A 287 55.98 -6.77 1.04
C ARG A 287 54.81 -6.73 0.07
N LEU A 288 53.61 -6.82 0.63
CA LEU A 288 52.36 -6.85 -0.11
C LEU A 288 52.03 -5.53 -0.80
N GLU A 289 52.74 -4.45 -0.48
CA GLU A 289 52.35 -3.13 -0.94
C GLU A 289 52.36 -3.00 -2.46
N ASP A 290 52.98 -3.95 -3.15
CA ASP A 290 52.82 -4.07 -4.58
C ASP A 290 51.77 -5.10 -4.96
N VAL A 291 51.49 -6.06 -4.07
CA VAL A 291 50.52 -7.10 -4.35
C VAL A 291 49.12 -6.54 -4.36
N GLN A 292 48.79 -5.69 -3.39
CA GLN A 292 47.42 -5.26 -3.26
C GLN A 292 47.00 -4.32 -4.38
N ARG A 293 47.95 -3.63 -5.02
CA ARG A 293 47.60 -2.89 -6.23
C ARG A 293 47.07 -3.83 -7.31
N TYR A 294 47.74 -4.97 -7.49
CA TYR A 294 47.29 -5.94 -8.47
C TYR A 294 45.95 -6.55 -8.07
N LEU A 295 45.77 -6.84 -6.78
CA LEU A 295 44.52 -7.43 -6.33
C LEU A 295 43.36 -6.46 -6.53
N VAL A 296 43.57 -5.18 -6.21
CA VAL A 296 42.59 -4.15 -6.47
C VAL A 296 42.28 -4.03 -7.95
N GLN A 297 43.31 -4.11 -8.80
CA GLN A 297 43.08 -4.05 -10.24
C GLN A 297 42.24 -5.24 -10.72
N CYS A 298 42.53 -6.43 -10.21
CA CYS A 298 41.75 -7.61 -10.60
C CYS A 298 40.30 -7.46 -10.19
N PHE A 299 40.06 -6.96 -8.99
CA PHE A 299 38.67 -6.73 -8.57
C PHE A 299 38.03 -5.62 -9.39
N ASP A 300 38.82 -4.67 -9.87
CA ASP A 300 38.26 -3.55 -10.62
C ASP A 300 37.73 -3.96 -11.97
N ARG A 301 38.32 -5.00 -12.57
CA ARG A 301 37.83 -5.52 -13.84
C ARG A 301 36.58 -6.36 -13.58
N LYS A 302 36.10 -7.06 -14.62
CA LYS A 302 34.87 -7.83 -14.55
C LYS A 302 33.66 -6.96 -14.21
N ARG A 303 33.77 -5.66 -14.46
CA ARG A 303 32.66 -4.72 -14.26
C ARG A 303 32.32 -4.12 -15.62
N ARG A 304 31.19 -4.54 -16.19
CA ARG A 304 30.81 -4.14 -17.53
C ARG A 304 29.87 -2.94 -17.55
N ASN A 305 29.55 -2.36 -16.39
CA ASN A 305 28.63 -1.23 -16.32
C ASN A 305 29.21 -0.22 -15.32
N ARG A 306 29.87 0.79 -15.85
CA ARG A 306 30.51 1.82 -15.02
C ARG A 306 29.52 2.96 -14.80
N SER A 307 30.04 4.11 -14.34
CA SER A 307 29.31 5.33 -13.95
C SER A 307 28.71 5.20 -12.55
N LYS A 308 29.11 4.19 -11.79
CA LYS A 308 28.82 4.10 -10.36
C LYS A 308 30.10 3.64 -9.68
N PRO A 309 30.60 4.41 -8.72
CA PRO A 309 31.97 4.19 -8.24
C PRO A 309 32.11 2.90 -7.45
N LEU A 310 33.37 2.51 -7.24
CA LEU A 310 33.74 1.36 -6.43
C LEU A 310 34.72 1.80 -5.37
N PHE A 311 34.47 1.40 -4.13
CA PHE A 311 35.25 1.84 -2.98
C PHE A 311 36.00 0.67 -2.38
N HIS A 312 37.24 0.90 -1.98
CA HIS A 312 38.12 -0.13 -1.46
C HIS A 312 38.28 0.05 0.04
N HIS A 313 38.77 -1.00 0.70
CA HIS A 313 39.14 -0.84 2.10
C HIS A 313 39.93 -2.04 2.57
N PHE A 314 40.86 -1.78 3.49
CA PHE A 314 41.59 -2.82 4.22
C PHE A 314 41.28 -2.64 5.69
N THR A 315 40.61 -3.63 6.28
CA THR A 315 39.97 -3.44 7.57
C THR A 315 40.98 -3.19 8.67
N THR A 316 40.59 -2.37 9.64
CA THR A 316 41.40 -2.07 10.81
C THR A 316 40.61 -2.40 12.06
N SER A 317 41.35 -2.59 13.16
CA SER A 317 40.72 -3.01 14.41
C SER A 317 39.77 -1.97 14.96
N ILE A 318 40.02 -0.69 14.71
CA ILE A 318 39.14 0.37 15.19
C ILE A 318 37.91 0.42 14.29
N ASP A 319 36.73 0.31 14.89
CA ASP A 319 35.49 0.22 14.12
C ASP A 319 34.96 1.57 13.69
N THR A 320 35.47 2.66 14.27
CA THR A 320 35.07 3.99 13.83
C THR A 320 35.42 4.21 12.37
N GLU A 321 36.55 3.66 11.92
CA GLU A 321 36.91 3.74 10.51
C GLU A 321 35.85 3.07 9.64
N ASN A 322 35.39 1.89 10.04
CA ASN A 322 34.40 1.18 9.24
C ASN A 322 33.08 1.94 9.19
N ALA A 323 32.64 2.47 10.34
CA ALA A 323 31.42 3.26 10.35
C ALA A 323 31.53 4.48 9.46
N ARG A 324 32.65 5.20 9.57
CA ARG A 324 32.85 6.38 8.75
C ARG A 324 32.84 6.05 7.27
N PHE A 325 33.45 4.91 6.91
CA PHE A 325 33.53 4.55 5.50
C PHE A 325 32.15 4.24 4.92
N ILE A 326 31.35 3.43 5.63
CA ILE A 326 30.03 3.13 5.08
C ILE A 326 29.19 4.39 4.98
N PHE A 327 29.30 5.28 5.98
CA PHE A 327 28.57 6.53 5.95
C PHE A 327 28.91 7.34 4.70
N HIS A 328 30.20 7.54 4.45
CA HIS A 328 30.57 8.42 3.35
C HIS A 328 30.28 7.80 1.99
N ALA A 329 30.44 6.48 1.85
CA ALA A 329 30.09 5.86 0.57
C ALA A 329 28.62 6.08 0.24
N VAL A 330 27.74 5.82 1.23
CA VAL A 330 26.31 6.00 0.96
C VAL A 330 25.98 7.45 0.65
N LYS A 331 26.59 8.38 1.39
CA LYS A 331 26.30 9.80 1.15
C LYS A 331 26.71 10.22 -0.25
N ASP A 332 27.90 9.82 -0.70
CA ASP A 332 28.35 10.21 -2.03
C ASP A 332 27.42 9.64 -3.10
N THR A 333 26.99 8.39 -2.93
CA THR A 333 26.05 7.81 -3.90
C THR A 333 24.75 8.61 -3.96
N ILE A 334 24.20 8.97 -2.81
CA ILE A 334 22.93 9.68 -2.82
C ILE A 334 23.07 11.07 -3.43
N LEU A 335 24.21 11.74 -3.19
CA LEU A 335 24.42 13.04 -3.81
C LEU A 335 24.51 12.94 -5.32
N GLN A 336 25.20 11.90 -5.83
CA GLN A 336 25.29 11.73 -7.26
C GLN A 336 23.94 11.41 -7.88
N GLU A 337 23.06 10.75 -7.14
CA GLU A 337 21.71 10.54 -7.66
C GLU A 337 20.90 11.82 -7.63
N ASN A 338 21.11 12.66 -6.61
CA ASN A 338 20.35 13.90 -6.49
C ASN A 338 20.71 14.89 -7.60
N LEU A 339 21.99 14.99 -7.94
CA LEU A 339 22.39 15.98 -8.94
C LEU A 339 21.87 15.66 -10.35
N LYS A 340 21.38 14.44 -10.59
CA LYS A 340 20.77 14.12 -11.88
C LYS A 340 19.40 14.76 -12.04
N ASP A 341 18.57 14.69 -10.99
CA ASP A 341 17.19 15.13 -11.09
C ASP A 341 17.06 16.64 -11.32
N ILE A 342 18.11 17.41 -11.06
CA ILE A 342 18.12 18.82 -11.44
C ILE A 342 18.96 19.03 -12.71
N MET A 343 19.13 17.99 -13.52
CA MET A 343 19.62 18.08 -14.89
C MET A 343 21.02 18.72 -14.95
N LEU A 344 21.96 18.01 -14.36
CA LEU A 344 23.35 18.38 -14.45
C LEU A 344 23.89 18.01 -15.83
N GLU B 8 23.27 -52.53 -16.10
CA GLU B 8 21.92 -52.29 -15.61
C GLU B 8 21.44 -50.89 -15.99
N LEU B 9 22.37 -49.94 -16.00
CA LEU B 9 22.01 -48.56 -16.32
C LEU B 9 21.50 -48.44 -17.76
N ASP B 10 22.17 -49.10 -18.71
CA ASP B 10 21.76 -49.00 -20.10
C ASP B 10 20.37 -49.58 -20.32
N GLN B 11 20.09 -50.72 -19.70
CA GLN B 11 18.78 -51.35 -19.84
C GLN B 11 17.68 -50.44 -19.29
N LEU B 12 17.92 -49.85 -18.12
CA LEU B 12 16.92 -48.96 -17.53
C LEU B 12 16.70 -47.72 -18.37
N ARG B 13 17.79 -47.14 -18.90
CA ARG B 13 17.64 -45.97 -19.77
C ARG B 13 16.87 -46.31 -21.04
N GLN B 14 17.16 -47.47 -21.63
CA GLN B 14 16.42 -47.89 -22.82
C GLN B 14 14.94 -48.11 -22.49
N GLU B 15 14.66 -48.68 -21.32
CA GLU B 15 13.27 -48.87 -20.91
C GLU B 15 12.56 -47.53 -20.76
N ALA B 16 13.25 -46.55 -20.18
CA ALA B 16 12.66 -45.22 -20.04
C ALA B 16 12.37 -44.61 -21.41
N GLU B 17 13.31 -44.75 -22.35
CA GLU B 17 13.09 -44.22 -23.69
C GLU B 17 11.90 -44.90 -24.37
N GLN B 18 11.80 -46.23 -24.24
CA GLN B 18 10.70 -46.95 -24.84
C GLN B 18 9.36 -46.51 -24.24
N LEU B 19 9.32 -46.35 -22.92
CA LEU B 19 8.08 -45.91 -22.28
C LEU B 19 7.70 -44.51 -22.73
N LYS B 20 8.69 -43.62 -22.87
CA LYS B 20 8.37 -42.27 -23.35
C LYS B 20 7.83 -42.30 -24.77
N ASN B 21 8.40 -43.15 -25.63
CA ASN B 21 7.89 -43.28 -26.99
C ASN B 21 6.46 -43.83 -26.98
N GLN B 22 6.18 -44.79 -26.11
CA GLN B 22 4.82 -45.32 -26.00
C GLN B 22 3.84 -44.23 -25.56
N ILE B 23 4.24 -43.42 -24.58
CA ILE B 23 3.38 -42.33 -24.12
C ILE B 23 3.11 -41.35 -25.25
N ARG B 24 4.16 -41.00 -26.00
CA ARG B 24 3.99 -40.07 -27.11
C ARG B 24 3.04 -40.63 -28.16
N ASP B 25 3.18 -41.91 -28.49
CA ASP B 25 2.29 -42.53 -29.47
C ASP B 25 0.84 -42.52 -28.97
N ALA B 26 0.65 -42.85 -27.69
CA ALA B 26 -0.70 -42.86 -27.14
C ALA B 26 -1.33 -41.47 -27.20
N ARG B 27 -0.55 -40.44 -26.87
CA ARG B 27 -1.08 -39.07 -26.95
C ARG B 27 -1.40 -38.68 -28.37
N LYS B 28 -0.52 -39.01 -29.33
CA LYS B 28 -0.74 -38.59 -30.70
C LYS B 28 -1.82 -39.40 -31.41
N ALA B 29 -2.23 -40.54 -30.84
CA ALA B 29 -3.25 -41.35 -31.49
C ALA B 29 -4.59 -40.62 -31.58
N CYS B 30 -5.02 -40.01 -30.49
CA CYS B 30 -6.40 -39.54 -30.37
C CYS B 30 -6.60 -38.10 -30.78
N ALA B 31 -5.59 -37.42 -31.31
CA ALA B 31 -5.71 -36.01 -31.70
C ALA B 31 -6.36 -35.93 -33.09
N ASP B 32 -7.66 -36.17 -33.11
CA ASP B 32 -8.39 -36.21 -34.38
C ASP B 32 -8.91 -34.84 -34.81
N ALA B 33 -9.23 -33.96 -33.87
CA ALA B 33 -9.81 -32.67 -34.20
C ALA B 33 -9.08 -31.58 -33.41
N THR B 34 -9.28 -30.34 -33.86
CA THR B 34 -8.68 -29.17 -33.25
C THR B 34 -9.79 -28.29 -32.66
N LEU B 35 -9.52 -27.72 -31.48
CA LEU B 35 -10.54 -26.93 -30.80
C LEU B 35 -10.93 -25.71 -31.62
N SER B 36 -10.01 -25.14 -32.37
CA SER B 36 -10.35 -24.00 -33.21
C SER B 36 -11.16 -24.38 -34.43
N GLN B 37 -11.33 -25.67 -34.72
CA GLN B 37 -12.09 -26.10 -35.88
C GLN B 37 -13.57 -26.31 -35.61
N ILE B 38 -13.96 -26.50 -34.36
CA ILE B 38 -15.37 -26.67 -34.02
C ILE B 38 -15.92 -25.31 -33.58
N THR B 39 -15.04 -24.44 -33.10
CA THR B 39 -15.44 -23.12 -32.64
C THR B 39 -15.44 -22.06 -33.74
N ASN B 40 -15.17 -22.45 -34.98
CA ASN B 40 -15.15 -21.49 -36.07
C ASN B 40 -16.54 -21.01 -36.49
N ASN B 41 -17.60 -21.60 -35.95
CA ASN B 41 -18.97 -21.25 -36.27
C ASN B 41 -19.73 -20.72 -35.06
N ILE B 42 -19.07 -19.87 -34.26
CA ILE B 42 -19.63 -19.36 -33.02
C ILE B 42 -19.49 -17.84 -33.00
N ASP B 43 -20.53 -17.16 -32.52
CA ASP B 43 -20.52 -15.71 -32.50
C ASP B 43 -19.44 -15.20 -31.56
N PRO B 44 -18.64 -14.23 -31.97
CA PRO B 44 -17.70 -13.59 -31.05
C PRO B 44 -18.45 -12.79 -29.99
N VAL B 45 -17.79 -12.62 -28.84
CA VAL B 45 -18.43 -11.92 -27.73
C VAL B 45 -18.45 -10.41 -27.91
N GLY B 46 -17.97 -9.91 -29.05
CA GLY B 46 -17.96 -8.48 -29.22
C GLY B 46 -16.89 -7.82 -28.37
N ARG B 47 -17.04 -6.52 -28.17
CA ARG B 47 -16.08 -5.73 -27.41
C ARG B 47 -16.57 -5.59 -25.97
N ILE B 48 -15.70 -5.90 -25.02
CA ILE B 48 -16.00 -5.83 -23.60
C ILE B 48 -15.15 -4.73 -22.99
N GLN B 49 -15.79 -3.83 -22.25
CA GLN B 49 -15.09 -2.74 -21.59
C GLN B 49 -15.65 -2.59 -20.19
N MET B 50 -14.75 -2.30 -19.24
CA MET B 50 -15.08 -2.25 -17.83
C MET B 50 -14.51 -0.98 -17.22
N ARG B 51 -15.32 -0.28 -16.45
CA ARG B 51 -14.91 0.96 -15.81
C ARG B 51 -14.57 0.68 -14.35
N THR B 52 -13.52 1.34 -13.87
CA THR B 52 -13.21 1.26 -12.46
C THR B 52 -14.39 1.78 -11.65
N ARG B 53 -14.75 1.05 -10.59
CA ARG B 53 -15.89 1.41 -9.76
C ARG B 53 -15.51 1.83 -8.35
N ARG B 54 -14.54 1.16 -7.75
CA ARG B 54 -14.00 1.56 -6.46
C ARG B 54 -12.48 1.59 -6.57
N THR B 55 -11.85 2.38 -5.71
CA THR B 55 -10.39 2.42 -5.63
C THR B 55 -9.97 2.36 -4.18
N LEU B 56 -9.09 1.41 -3.86
CA LEU B 56 -8.74 1.08 -2.49
C LEU B 56 -7.28 1.47 -2.27
N ARG B 57 -7.02 2.29 -1.26
CA ARG B 57 -5.67 2.79 -1.04
C ARG B 57 -5.32 2.70 0.44
N GLY B 58 -4.02 2.65 0.72
CA GLY B 58 -3.56 2.55 2.09
C GLY B 58 -2.30 1.73 2.27
N HIS B 59 -1.90 0.96 1.27
CA HIS B 59 -0.67 0.20 1.39
C HIS B 59 0.54 1.13 1.28
N LEU B 60 1.65 0.69 1.84
CA LEU B 60 2.87 1.49 1.87
C LEU B 60 3.88 1.08 0.81
N ALA B 61 3.69 -0.05 0.15
CA ALA B 61 4.64 -0.58 -0.81
C ALA B 61 3.89 -1.52 -1.74
N LYS B 62 4.63 -2.35 -2.46
CA LYS B 62 4.03 -3.19 -3.50
C LYS B 62 3.10 -4.23 -2.89
N ILE B 63 2.20 -4.73 -3.73
CA ILE B 63 1.19 -5.72 -3.36
C ILE B 63 1.55 -7.03 -4.05
N TYR B 64 1.56 -8.13 -3.28
CA TYR B 64 1.98 -9.40 -3.85
C TYR B 64 0.86 -10.41 -4.07
N ALA B 65 -0.23 -10.36 -3.31
CA ALA B 65 -1.30 -11.32 -3.52
C ALA B 65 -2.61 -10.78 -2.96
N MET B 66 -3.70 -11.43 -3.34
CA MET B 66 -5.03 -11.11 -2.84
C MET B 66 -5.91 -12.35 -2.95
N HIS B 67 -7.04 -12.31 -2.24
CA HIS B 67 -7.98 -13.42 -2.25
C HIS B 67 -9.36 -12.92 -1.86
N TRP B 68 -10.38 -13.34 -2.61
CA TRP B 68 -11.76 -13.02 -2.28
C TRP B 68 -12.24 -13.94 -1.16
N GLY B 69 -13.48 -13.72 -0.72
CA GLY B 69 -14.14 -14.55 0.25
C GLY B 69 -15.13 -15.49 -0.40
N THR B 70 -16.08 -15.96 0.40
CA THR B 70 -17.16 -16.79 -0.13
C THR B 70 -18.47 -16.04 -0.24
N ASP B 71 -18.65 -14.97 0.53
CA ASP B 71 -19.83 -14.13 0.44
C ASP B 71 -19.69 -13.05 -0.63
N SER B 72 -18.54 -12.98 -1.29
CA SER B 72 -18.30 -12.01 -2.36
C SER B 72 -18.42 -10.56 -1.86
N ARG B 73 -17.96 -10.31 -0.64
CA ARG B 73 -17.93 -8.94 -0.15
C ARG B 73 -16.65 -8.56 0.60
N LEU B 74 -15.80 -9.50 1.01
CA LEU B 74 -14.61 -9.15 1.78
C LEU B 74 -13.34 -9.57 1.04
N LEU B 75 -12.25 -8.85 1.31
CA LEU B 75 -10.98 -9.00 0.62
C LEU B 75 -9.82 -9.04 1.61
N VAL B 76 -8.73 -9.68 1.20
CA VAL B 76 -7.49 -9.73 1.98
C VAL B 76 -6.32 -9.44 1.06
N SER B 77 -5.36 -8.64 1.53
CA SER B 77 -4.21 -8.28 0.71
C SER B 77 -2.94 -8.24 1.55
N ALA B 78 -1.82 -8.55 0.88
CA ALA B 78 -0.50 -8.68 1.51
C ALA B 78 0.52 -7.78 0.83
N SER B 79 1.26 -7.02 1.62
CA SER B 79 2.22 -6.07 1.06
C SER B 79 3.61 -6.27 1.65
N GLN B 80 4.60 -5.63 1.03
CA GLN B 80 5.99 -5.72 1.48
C GLN B 80 6.20 -5.11 2.86
N ASP B 81 5.42 -4.13 3.24
CA ASP B 81 5.63 -3.46 4.51
C ASP B 81 5.30 -4.32 5.70
N GLY B 82 5.04 -5.61 5.50
CA GLY B 82 4.69 -6.48 6.60
C GLY B 82 3.26 -6.35 7.05
N LYS B 83 2.35 -5.97 6.17
CA LYS B 83 0.97 -5.73 6.53
C LYS B 83 0.04 -6.62 5.74
N LEU B 84 -1.01 -7.08 6.44
CA LEU B 84 -2.11 -7.84 5.86
C LEU B 84 -3.39 -7.11 6.18
N ILE B 85 -4.16 -6.72 5.18
CA ILE B 85 -5.34 -5.87 5.40
C ILE B 85 -6.59 -6.58 4.90
N ILE B 86 -7.66 -6.49 5.70
CA ILE B 86 -8.97 -7.05 5.37
C ILE B 86 -9.91 -5.88 5.10
N TRP B 87 -10.44 -5.86 3.87
CA TRP B 87 -11.23 -4.79 3.26
C TRP B 87 -12.67 -5.23 3.06
N ASP B 88 -13.56 -4.25 3.08
CA ASP B 88 -14.93 -4.38 2.58
C ASP B 88 -15.02 -3.63 1.26
N SER B 89 -15.56 -4.28 0.24
CA SER B 89 -15.52 -3.72 -1.11
C SER B 89 -16.74 -2.90 -1.48
N TYR B 90 -17.85 -3.02 -0.75
CA TYR B 90 -19.03 -2.23 -1.07
C TYR B 90 -18.85 -0.77 -0.67
N THR B 91 -18.28 -0.53 0.50
CA THR B 91 -18.19 0.81 1.06
C THR B 91 -16.77 1.32 1.20
N THR B 92 -15.78 0.58 0.71
CA THR B 92 -14.36 0.98 0.81
C THR B 92 -13.98 1.28 2.25
N ASN B 93 -14.23 0.30 3.12
CA ASN B 93 -13.90 0.39 4.52
C ASN B 93 -12.75 -0.54 4.85
N LYS B 94 -12.07 -0.24 5.94
CA LYS B 94 -11.05 -1.13 6.48
C LYS B 94 -11.62 -1.86 7.68
N VAL B 95 -11.57 -3.18 7.65
CA VAL B 95 -12.11 -3.99 8.73
C VAL B 95 -10.99 -4.49 9.64
N HIS B 96 -9.85 -4.87 9.08
CA HIS B 96 -8.75 -5.33 9.93
C HIS B 96 -7.40 -4.95 9.32
N ALA B 97 -6.42 -4.69 10.20
CA ALA B 97 -5.04 -4.42 9.80
C ALA B 97 -4.11 -5.23 10.69
N ILE B 98 -3.48 -6.26 10.13
CA ILE B 98 -2.72 -7.25 10.88
C ILE B 98 -1.24 -7.03 10.60
N PRO B 99 -0.41 -6.86 11.64
CA PRO B 99 1.04 -6.83 11.46
C PRO B 99 1.66 -8.21 11.52
N LEU B 100 2.75 -8.37 10.77
CA LEU B 100 3.41 -9.65 10.58
C LEU B 100 4.71 -9.72 11.37
N ARG B 101 5.38 -10.86 11.28
CA ARG B 101 6.66 -11.08 11.92
C ARG B 101 7.84 -11.02 10.97
N SER B 102 7.71 -11.58 9.77
CA SER B 102 8.73 -11.49 8.73
C SER B 102 8.16 -10.68 7.58
N SER B 103 8.89 -9.64 7.18
CA SER B 103 8.37 -8.67 6.22
C SER B 103 8.52 -9.11 4.77
N TRP B 104 9.10 -10.28 4.51
CA TRP B 104 9.27 -10.78 3.15
C TRP B 104 8.16 -11.80 2.88
N VAL B 105 6.98 -11.28 2.60
CA VAL B 105 5.78 -12.09 2.40
C VAL B 105 5.53 -12.29 0.92
N MET B 106 4.99 -13.45 0.56
CA MET B 106 4.77 -13.74 -0.84
C MET B 106 3.44 -14.40 -1.18
N THR B 107 2.56 -14.64 -0.22
CA THR B 107 1.25 -15.24 -0.52
C THR B 107 0.32 -15.11 0.67
N CYS B 108 -0.98 -15.29 0.42
CA CYS B 108 -2.01 -15.22 1.44
C CYS B 108 -3.27 -15.90 0.93
N ALA B 109 -4.07 -16.45 1.84
CA ALA B 109 -5.28 -17.17 1.49
C ALA B 109 -6.35 -16.90 2.53
N TYR B 110 -7.61 -17.14 2.15
CA TYR B 110 -8.75 -16.75 2.99
C TYR B 110 -9.63 -17.98 3.18
N ALA B 111 -9.89 -18.35 4.43
CA ALA B 111 -10.54 -19.62 4.72
C ALA B 111 -11.98 -19.63 4.23
N PRO B 112 -12.50 -20.82 3.88
CA PRO B 112 -13.85 -20.88 3.27
C PRO B 112 -14.99 -20.68 4.25
N SER B 113 -14.82 -21.05 5.53
CA SER B 113 -15.84 -20.77 6.52
C SER B 113 -15.83 -19.31 6.97
N GLY B 114 -14.69 -18.65 6.90
CA GLY B 114 -14.58 -17.26 7.27
C GLY B 114 -13.89 -16.98 8.58
N ASN B 115 -13.28 -17.98 9.20
CA ASN B 115 -12.69 -17.81 10.52
C ASN B 115 -11.20 -17.57 10.52
N TYR B 116 -10.47 -18.04 9.51
CA TYR B 116 -9.01 -18.07 9.54
C TYR B 116 -8.42 -17.43 8.29
N VAL B 117 -7.15 -17.00 8.40
CA VAL B 117 -6.36 -16.62 7.23
C VAL B 117 -4.96 -17.22 7.35
N ALA B 118 -4.19 -17.09 6.27
CA ALA B 118 -2.87 -17.69 6.17
C ALA B 118 -1.86 -16.70 5.59
N CYS B 119 -0.59 -16.90 5.94
CA CYS B 119 0.49 -16.04 5.47
C CYS B 119 1.77 -16.85 5.35
N GLY B 120 2.68 -16.39 4.50
CA GLY B 120 3.94 -17.08 4.30
C GLY B 120 4.90 -16.30 3.42
N GLY B 121 6.16 -16.74 3.43
CA GLY B 121 7.19 -16.08 2.66
C GLY B 121 8.58 -16.69 2.72
N LEU B 122 9.61 -15.86 2.87
CA LEU B 122 10.99 -16.31 2.84
C LEU B 122 11.48 -16.87 4.17
N ASP B 123 10.67 -16.84 5.21
CA ASP B 123 11.06 -17.44 6.48
C ASP B 123 10.77 -18.94 6.52
N ASN B 124 10.20 -19.50 5.46
CA ASN B 124 9.94 -20.93 5.31
C ASN B 124 8.91 -21.46 6.31
N ILE B 125 8.07 -20.60 6.87
CA ILE B 125 7.07 -20.98 7.86
C ILE B 125 5.72 -20.48 7.38
N CYS B 126 4.67 -21.26 7.63
CA CYS B 126 3.31 -20.88 7.28
C CYS B 126 2.54 -20.52 8.53
N SER B 127 1.95 -19.32 8.56
CA SER B 127 1.28 -18.81 9.75
C SER B 127 -0.23 -18.81 9.53
N ILE B 128 -0.97 -19.35 10.50
CA ILE B 128 -2.42 -19.43 10.47
C ILE B 128 -2.99 -18.55 11.57
N TYR B 129 -3.88 -17.64 11.19
CA TYR B 129 -4.43 -16.59 12.04
C TYR B 129 -5.92 -16.79 12.28
N ASN B 130 -6.37 -16.52 13.51
CA ASN B 130 -7.75 -16.63 13.94
C ASN B 130 -8.40 -15.24 13.99
N LEU B 131 -9.57 -15.12 13.38
CA LEU B 131 -10.26 -13.84 13.24
C LEU B 131 -11.34 -13.61 14.28
N LYS B 132 -12.05 -14.65 14.68
CA LYS B 132 -13.22 -14.54 15.55
C LYS B 132 -12.86 -15.08 16.92
N THR B 133 -12.42 -14.20 17.81
CA THR B 133 -12.02 -14.54 19.16
C THR B 133 -12.97 -13.90 20.16
N ARG B 134 -12.65 -14.07 21.45
CA ARG B 134 -13.45 -13.50 22.52
C ARG B 134 -12.78 -12.29 23.17
N GLU B 135 -11.46 -12.15 23.06
CA GLU B 135 -10.78 -10.98 23.58
C GLU B 135 -10.82 -9.81 22.60
N GLY B 136 -11.29 -10.01 21.38
CA GLY B 136 -11.49 -8.95 20.43
C GLY B 136 -10.36 -8.74 19.45
N ASN B 137 -9.17 -9.29 19.72
CA ASN B 137 -8.00 -9.11 18.90
C ASN B 137 -7.98 -10.12 17.75
N VAL B 138 -6.94 -10.02 16.92
CA VAL B 138 -6.61 -11.04 15.93
C VAL B 138 -5.25 -11.60 16.31
N ARG B 139 -5.20 -12.89 16.60
CA ARG B 139 -4.03 -13.51 17.20
C ARG B 139 -3.61 -14.75 16.42
N VAL B 140 -2.31 -15.06 16.48
CA VAL B 140 -1.78 -16.21 15.76
C VAL B 140 -2.31 -17.49 16.39
N SER B 141 -2.47 -18.51 15.56
CA SER B 141 -2.94 -19.81 16.01
C SER B 141 -1.98 -20.92 15.67
N ARG B 142 -1.31 -20.86 14.53
CA ARG B 142 -0.33 -21.91 14.22
C ARG B 142 0.86 -21.35 13.45
N GLU B 143 2.05 -21.88 13.76
CA GLU B 143 3.27 -21.63 12.99
C GLU B 143 3.79 -22.97 12.49
N LEU B 144 3.41 -23.35 11.27
CA LEU B 144 3.78 -24.64 10.70
C LEU B 144 5.14 -24.55 10.02
N ALA B 145 6.02 -25.49 10.37
CA ALA B 145 7.41 -25.49 9.92
C ALA B 145 7.80 -26.89 9.46
N GLY B 146 8.84 -26.95 8.64
CA GLY B 146 9.32 -28.23 8.16
C GLY B 146 9.86 -28.21 6.74
N HIS B 147 9.72 -27.10 6.04
CA HIS B 147 10.26 -26.98 4.69
C HIS B 147 11.70 -26.51 4.75
N THR B 148 12.38 -26.57 3.61
CA THR B 148 13.76 -26.13 3.49
C THR B 148 13.91 -24.80 2.78
N GLY B 149 13.21 -24.58 1.67
CA GLY B 149 13.23 -23.31 0.97
C GLY B 149 11.98 -22.50 1.24
N TYR B 150 11.78 -21.49 0.39
CA TYR B 150 10.67 -20.56 0.56
C TYR B 150 9.36 -21.19 0.08
N LEU B 151 8.25 -20.57 0.50
CA LEU B 151 6.91 -20.99 0.11
C LEU B 151 6.37 -20.09 -0.99
N SER B 152 5.67 -20.69 -1.95
CA SER B 152 5.09 -19.94 -3.05
C SER B 152 3.56 -19.88 -3.04
N CYS B 153 2.89 -20.86 -2.46
CA CYS B 153 1.43 -20.87 -2.45
C CYS B 153 0.92 -21.68 -1.26
N CYS B 154 -0.30 -21.35 -0.83
CA CYS B 154 -0.98 -22.09 0.23
C CYS B 154 -2.47 -21.91 0.09
N ARG B 155 -3.22 -23.02 0.13
CA ARG B 155 -4.66 -22.99 0.01
C ARG B 155 -5.29 -23.92 1.04
N PHE B 156 -6.53 -23.63 1.38
CA PHE B 156 -7.29 -24.35 2.40
C PHE B 156 -8.15 -25.44 1.75
N LEU B 157 -8.48 -26.45 2.55
CA LEU B 157 -9.48 -27.46 2.18
C LEU B 157 -10.70 -27.41 3.09
N ASP B 158 -10.49 -27.39 4.40
CA ASP B 158 -11.54 -27.16 5.38
C ASP B 158 -10.90 -26.43 6.56
N ASP B 159 -11.58 -26.40 7.68
CA ASP B 159 -10.98 -25.67 8.78
C ASP B 159 -9.80 -26.40 9.41
N ASN B 160 -9.29 -27.51 8.86
CA ASN B 160 -8.24 -28.25 9.53
C ASN B 160 -7.13 -28.77 8.61
N GLN B 161 -7.12 -28.44 7.32
CA GLN B 161 -6.14 -29.01 6.41
C GLN B 161 -5.63 -27.96 5.42
N ILE B 162 -4.31 -27.96 5.18
CA ILE B 162 -3.66 -27.00 4.30
C ILE B 162 -2.77 -27.73 3.31
N VAL B 163 -2.62 -27.16 2.10
CA VAL B 163 -1.67 -27.63 1.10
C VAL B 163 -0.65 -26.54 0.87
N THR B 164 0.64 -26.92 0.85
CA THR B 164 1.73 -25.97 0.65
C THR B 164 2.64 -26.43 -0.48
N SER B 165 3.20 -25.46 -1.19
CA SER B 165 4.17 -25.70 -2.26
C SER B 165 5.41 -24.85 -2.02
N SER B 166 6.58 -25.50 -2.03
CA SER B 166 7.82 -24.84 -1.65
C SER B 166 8.94 -25.18 -2.62
N GLY B 167 9.83 -24.20 -2.79
CA GLY B 167 10.92 -24.22 -3.75
C GLY B 167 12.10 -25.10 -3.41
N ASP B 168 11.93 -26.02 -2.47
CA ASP B 168 12.83 -27.16 -2.37
C ASP B 168 12.30 -28.34 -3.16
N THR B 169 11.48 -28.05 -4.18
CA THR B 169 10.84 -29.04 -5.02
C THR B 169 9.90 -29.94 -4.22
N THR B 170 9.02 -29.33 -3.42
CA THR B 170 8.19 -30.15 -2.54
C THR B 170 6.78 -29.60 -2.44
N CYS B 171 5.80 -30.51 -2.27
CA CYS B 171 4.46 -30.13 -1.87
C CYS B 171 4.06 -30.95 -0.65
N ALA B 172 3.15 -30.41 0.16
CA ALA B 172 2.84 -31.05 1.43
C ALA B 172 1.39 -30.83 1.81
N LEU B 173 0.83 -31.80 2.55
CA LEU B 173 -0.48 -31.68 3.16
C LEU B 173 -0.35 -31.70 4.68
N TRP B 174 -0.87 -30.67 5.35
CA TRP B 174 -0.73 -30.50 6.79
C TRP B 174 -2.09 -30.57 7.47
N ASP B 175 -2.13 -31.32 8.57
CA ASP B 175 -3.22 -31.27 9.54
C ASP B 175 -2.85 -30.25 10.61
N ILE B 176 -3.80 -29.43 11.02
CA ILE B 176 -3.47 -28.19 11.72
C ILE B 176 -3.42 -28.38 13.23
N GLU B 177 -4.32 -29.16 13.81
CA GLU B 177 -4.39 -29.28 15.26
C GLU B 177 -3.10 -29.84 15.84
N THR B 178 -2.59 -30.92 15.25
CA THR B 178 -1.35 -31.51 15.73
C THR B 178 -0.13 -30.70 15.32
N GLY B 179 -0.11 -30.23 14.08
CA GLY B 179 1.05 -29.56 13.52
C GLY B 179 1.97 -30.44 12.70
N GLN B 180 1.53 -31.64 12.32
CA GLN B 180 2.39 -32.62 11.70
C GLN B 180 2.04 -32.80 10.23
N GLN B 181 3.07 -33.08 9.43
CA GLN B 181 2.85 -33.45 8.04
C GLN B 181 2.16 -34.80 7.96
N THR B 182 1.37 -34.97 6.91
CA THR B 182 0.62 -36.19 6.70
C THR B 182 0.99 -36.89 5.41
N THR B 183 1.17 -36.14 4.32
CA THR B 183 1.67 -36.71 3.08
C THR B 183 2.52 -35.68 2.35
N THR B 184 3.58 -36.15 1.72
CA THR B 184 4.57 -35.31 1.05
C THR B 184 4.67 -35.73 -0.41
N PHE B 185 4.57 -34.76 -1.31
CA PHE B 185 4.58 -34.99 -2.75
C PHE B 185 5.92 -34.53 -3.31
N THR B 186 6.61 -35.44 -4.01
CA THR B 186 7.95 -35.26 -4.52
C THR B 186 8.02 -35.75 -5.95
N GLY B 187 8.92 -35.13 -6.73
CA GLY B 187 9.08 -35.54 -8.10
C GLY B 187 9.40 -34.42 -9.06
N HIS B 188 9.35 -33.18 -8.57
CA HIS B 188 9.77 -32.06 -9.40
C HIS B 188 11.29 -31.90 -9.35
N THR B 189 11.82 -31.22 -10.35
CA THR B 189 13.27 -30.97 -10.44
C THR B 189 13.65 -29.55 -10.08
N GLY B 190 12.76 -28.57 -10.31
CA GLY B 190 13.02 -27.19 -9.96
C GLY B 190 12.05 -26.66 -8.91
N ASP B 191 12.12 -25.35 -8.72
CA ASP B 191 11.26 -24.67 -7.77
C ASP B 191 9.79 -24.83 -8.17
N VAL B 192 8.91 -24.89 -7.16
CA VAL B 192 7.47 -24.95 -7.40
C VAL B 192 6.89 -23.56 -7.26
N MET B 193 6.09 -23.14 -8.23
CA MET B 193 5.64 -21.76 -8.34
C MET B 193 4.14 -21.57 -8.09
N SER B 194 3.27 -22.46 -8.57
CA SER B 194 1.86 -22.24 -8.32
C SER B 194 1.11 -23.56 -8.16
N LEU B 195 0.03 -23.51 -7.38
CA LEU B 195 -0.88 -24.65 -7.23
C LEU B 195 -2.32 -24.17 -7.24
N SER B 196 -3.22 -25.06 -7.65
CA SER B 196 -4.65 -24.76 -7.69
C SER B 196 -5.46 -25.99 -7.33
N LEU B 197 -6.57 -25.75 -6.63
CA LEU B 197 -7.45 -26.77 -6.07
C LEU B 197 -8.72 -26.92 -6.90
N ALA B 198 -9.27 -28.10 -6.87
CA ALA B 198 -10.47 -28.48 -7.61
C ALA B 198 -11.73 -28.16 -6.80
N PRO B 199 -12.85 -27.93 -7.50
CA PRO B 199 -14.11 -27.67 -6.77
C PRO B 199 -14.54 -28.81 -5.86
N ASP B 200 -14.35 -30.06 -6.27
CA ASP B 200 -14.76 -31.19 -5.45
C ASP B 200 -13.76 -31.53 -4.36
N THR B 201 -12.60 -30.87 -4.34
CA THR B 201 -11.61 -30.98 -3.27
C THR B 201 -11.14 -32.43 -3.13
N ARG B 202 -10.66 -32.97 -4.25
CA ARG B 202 -10.06 -34.30 -4.25
C ARG B 202 -8.79 -34.42 -5.07
N LEU B 203 -8.47 -33.47 -5.92
CA LEU B 203 -7.26 -33.46 -6.72
C LEU B 203 -6.72 -32.04 -6.78
N PHE B 204 -5.44 -31.89 -7.13
CA PHE B 204 -4.97 -30.53 -7.34
C PHE B 204 -3.77 -30.51 -8.28
N VAL B 205 -3.57 -29.37 -8.94
CA VAL B 205 -2.57 -29.24 -10.01
C VAL B 205 -1.49 -28.25 -9.58
N SER B 206 -0.26 -28.49 -10.04
CA SER B 206 0.86 -27.62 -9.69
C SER B 206 1.82 -27.44 -10.86
N GLY B 207 2.33 -26.22 -11.00
CA GLY B 207 3.28 -25.84 -12.02
C GLY B 207 4.54 -25.28 -11.41
N ALA B 208 5.69 -25.80 -11.83
CA ALA B 208 6.90 -25.78 -11.01
C ALA B 208 8.17 -25.45 -11.78
N CYS B 209 8.16 -24.37 -12.56
CA CYS B 209 9.40 -23.69 -12.98
C CYS B 209 10.37 -24.60 -13.71
N ASP B 210 9.86 -25.64 -14.37
CA ASP B 210 10.68 -26.54 -15.17
C ASP B 210 9.94 -26.92 -16.45
N ALA B 211 9.06 -26.03 -16.92
CA ALA B 211 8.26 -26.27 -18.12
C ALA B 211 7.49 -27.57 -18.01
N SER B 212 6.91 -27.83 -16.84
CA SER B 212 6.18 -29.07 -16.60
C SER B 212 5.13 -28.83 -15.53
N ALA B 213 3.97 -29.43 -15.72
CA ALA B 213 2.89 -29.33 -14.75
C ALA B 213 2.42 -30.73 -14.39
N LYS B 214 1.88 -30.88 -13.19
CA LYS B 214 1.49 -32.21 -12.73
C LYS B 214 0.16 -32.17 -11.98
N LEU B 215 -0.54 -33.30 -12.05
CA LEU B 215 -1.78 -33.50 -11.30
C LEU B 215 -1.51 -34.47 -10.15
N TRP B 216 -2.02 -34.15 -8.97
CA TRP B 216 -1.78 -34.93 -7.77
C TRP B 216 -3.11 -35.37 -7.15
N ASP B 217 -3.14 -36.62 -6.69
CA ASP B 217 -4.27 -37.16 -5.94
C ASP B 217 -4.03 -36.97 -4.45
N VAL B 218 -4.84 -36.12 -3.82
CA VAL B 218 -4.56 -35.68 -2.46
C VAL B 218 -4.64 -36.85 -1.49
N ARG B 219 -5.49 -37.84 -1.79
CA ARG B 219 -5.75 -38.91 -0.85
C ARG B 219 -4.72 -40.04 -0.97
N GLU B 220 -4.57 -40.61 -2.17
CA GLU B 220 -3.73 -41.78 -2.32
C GLU B 220 -2.26 -41.45 -2.06
N GLY B 221 -1.74 -40.42 -2.72
CA GLY B 221 -0.41 -39.94 -2.38
C GLY B 221 0.61 -39.83 -3.50
N MET B 222 0.25 -40.19 -4.73
CA MET B 222 1.21 -40.18 -5.82
C MET B 222 0.63 -39.44 -7.02
N CYS B 223 1.52 -39.06 -7.93
CA CYS B 223 1.10 -38.34 -9.12
C CYS B 223 0.36 -39.26 -10.07
N ARG B 224 -0.47 -38.66 -10.92
CA ARG B 224 -1.29 -39.40 -11.86
C ARG B 224 -1.00 -39.06 -13.30
N GLN B 225 -0.84 -37.77 -13.63
CA GLN B 225 -0.53 -37.34 -14.99
C GLN B 225 0.42 -36.15 -14.94
N THR B 226 1.23 -36.04 -15.99
CA THR B 226 2.14 -34.92 -16.18
C THR B 226 2.01 -34.36 -17.59
N PHE B 227 2.23 -33.04 -17.71
CA PHE B 227 2.09 -32.33 -18.97
C PHE B 227 3.32 -31.46 -19.20
N THR B 228 3.72 -31.37 -20.47
CA THR B 228 4.85 -30.56 -20.90
C THR B 228 4.45 -29.71 -22.08
N GLY B 229 5.35 -28.83 -22.50
CA GLY B 229 5.11 -28.04 -23.70
C GLY B 229 5.63 -26.62 -23.69
N HIS B 230 5.77 -26.01 -22.52
CA HIS B 230 6.28 -24.66 -22.49
C HIS B 230 7.79 -24.65 -22.73
N GLU B 231 8.31 -23.48 -23.09
CA GLU B 231 9.73 -23.33 -23.39
C GLU B 231 10.53 -22.81 -22.22
N SER B 232 9.89 -22.19 -21.24
CA SER B 232 10.58 -21.63 -20.08
C SER B 232 9.70 -21.92 -18.86
N ASP B 233 9.97 -21.25 -17.75
CA ASP B 233 9.30 -21.58 -16.51
C ASP B 233 7.84 -21.10 -16.50
N ILE B 234 7.08 -21.60 -15.53
CA ILE B 234 5.63 -21.43 -15.45
C ILE B 234 5.30 -20.66 -14.17
N ASN B 235 4.48 -19.61 -14.30
CA ASN B 235 4.27 -18.68 -13.20
C ASN B 235 2.88 -18.71 -12.58
N ALA B 236 1.85 -19.20 -13.28
CA ALA B 236 0.50 -19.16 -12.74
C ALA B 236 -0.31 -20.33 -13.29
N ILE B 237 -1.37 -20.69 -12.55
CA ILE B 237 -2.21 -21.83 -12.89
C ILE B 237 -3.56 -21.64 -12.22
N CYS B 238 -4.60 -22.27 -12.78
CA CYS B 238 -5.94 -22.25 -12.20
C CYS B 238 -6.83 -23.28 -12.89
N PHE B 239 -7.91 -23.66 -12.22
CA PHE B 239 -8.93 -24.57 -12.77
C PHE B 239 -10.07 -23.87 -13.49
N PHE B 240 -10.44 -24.44 -14.63
CA PHE B 240 -11.74 -24.25 -15.22
C PHE B 240 -12.81 -24.69 -14.23
N PRO B 241 -13.96 -24.01 -14.17
CA PRO B 241 -14.94 -24.27 -13.10
C PRO B 241 -15.80 -25.51 -13.30
N ASN B 242 -15.20 -26.59 -13.76
CA ASN B 242 -15.85 -27.89 -13.71
C ASN B 242 -14.93 -29.04 -13.33
N GLY B 243 -13.65 -28.81 -13.14
CA GLY B 243 -12.74 -29.83 -12.65
C GLY B 243 -12.12 -30.76 -13.67
N ASN B 244 -12.27 -30.48 -14.97
CA ASN B 244 -11.59 -31.31 -15.98
C ASN B 244 -11.00 -30.44 -17.10
N ALA B 245 -10.35 -29.35 -16.73
CA ALA B 245 -9.61 -28.49 -17.65
C ALA B 245 -8.78 -27.52 -16.82
N PHE B 246 -7.67 -27.06 -17.39
CA PHE B 246 -6.94 -25.97 -16.72
C PHE B 246 -6.09 -25.21 -17.73
N ALA B 247 -5.58 -24.07 -17.29
CA ALA B 247 -4.92 -23.13 -18.17
C ALA B 247 -3.78 -22.46 -17.43
N THR B 248 -2.68 -22.24 -18.12
CA THR B 248 -1.42 -21.88 -17.46
C THR B 248 -0.71 -20.78 -18.22
N GLY B 249 0.12 -20.05 -17.50
CA GLY B 249 0.86 -18.94 -18.07
C GLY B 249 2.34 -19.03 -17.75
N SER B 250 3.17 -18.62 -18.70
CA SER B 250 4.61 -18.79 -18.60
C SER B 250 5.32 -17.44 -18.66
N ASP B 251 6.64 -17.51 -18.61
CA ASP B 251 7.49 -16.31 -18.72
C ASP B 251 8.08 -16.18 -20.11
N ASP B 252 7.37 -16.64 -21.13
CA ASP B 252 7.75 -16.41 -22.52
C ASP B 252 6.59 -15.83 -23.33
N ALA B 253 5.63 -15.18 -22.66
CA ALA B 253 4.47 -14.55 -23.28
C ALA B 253 3.63 -15.57 -24.05
N THR B 254 3.09 -16.55 -23.31
CA THR B 254 2.21 -17.54 -23.89
C THR B 254 1.34 -18.14 -22.81
N CYS B 255 0.04 -18.26 -23.08
CA CYS B 255 -0.88 -19.01 -22.24
C CYS B 255 -1.29 -20.28 -22.97
N ARG B 256 -1.56 -21.33 -22.21
CA ARG B 256 -1.97 -22.58 -22.83
C ARG B 256 -3.14 -23.20 -22.07
N LEU B 257 -4.05 -23.82 -22.81
CA LEU B 257 -5.20 -24.52 -22.26
C LEU B 257 -5.02 -26.02 -22.48
N PHE B 258 -5.02 -26.77 -21.37
CA PHE B 258 -4.82 -28.21 -21.25
C PHE B 258 -6.10 -28.90 -20.79
N ASP B 259 -6.25 -30.15 -21.20
CA ASP B 259 -7.32 -31.05 -20.78
C ASP B 259 -6.74 -32.20 -19.95
N LEU B 260 -7.61 -32.85 -19.19
CA LEU B 260 -7.21 -33.96 -18.32
C LEU B 260 -7.73 -35.31 -18.75
N ARG B 261 -8.86 -35.38 -19.47
CA ARG B 261 -9.40 -36.64 -19.94
C ARG B 261 -8.90 -37.02 -21.33
N ALA B 262 -8.02 -36.20 -21.92
CA ALA B 262 -7.38 -36.52 -23.18
C ALA B 262 -5.86 -36.46 -23.11
N ASP B 263 -5.30 -35.78 -22.11
CA ASP B 263 -3.85 -35.81 -21.84
C ASP B 263 -3.05 -35.20 -22.99
N GLN B 264 -3.42 -33.99 -23.41
CA GLN B 264 -2.64 -33.24 -24.39
C GLN B 264 -3.09 -31.78 -24.35
N GLU B 265 -2.28 -30.92 -24.96
CA GLU B 265 -2.61 -29.51 -25.04
C GLU B 265 -3.76 -29.28 -26.00
N LEU B 266 -4.52 -28.21 -25.76
CA LEU B 266 -5.65 -27.86 -26.61
C LEU B 266 -5.47 -26.52 -27.31
N MET B 267 -5.22 -25.44 -26.59
CA MET B 267 -5.07 -24.15 -27.29
C MET B 267 -3.95 -23.30 -26.70
N THR B 268 -3.59 -22.27 -27.45
CA THR B 268 -2.50 -21.35 -27.12
C THR B 268 -2.93 -19.92 -27.38
N TYR B 269 -2.78 -19.06 -26.37
CA TYR B 269 -3.10 -17.64 -26.48
C TYR B 269 -1.80 -16.86 -26.45
N SER B 270 -1.57 -16.09 -27.52
CA SER B 270 -0.33 -15.35 -27.69
C SER B 270 -0.52 -14.33 -28.80
N HIS B 271 0.45 -13.42 -28.92
CA HIS B 271 0.43 -12.41 -29.97
C HIS B 271 1.87 -12.03 -30.29
N ASP B 272 2.05 -11.42 -31.47
CA ASP B 272 3.38 -11.05 -31.95
C ASP B 272 3.90 -9.76 -31.34
N ASN B 273 3.04 -8.96 -30.72
CA ASN B 273 3.43 -7.69 -30.13
C ASN B 273 3.78 -7.81 -28.65
N ILE B 274 3.76 -9.01 -28.09
CA ILE B 274 3.94 -9.23 -26.65
C ILE B 274 5.27 -9.92 -26.44
N ILE B 275 6.12 -9.32 -25.60
CA ILE B 275 7.40 -9.91 -25.24
C ILE B 275 7.58 -10.12 -23.74
N CYS B 276 6.71 -9.56 -22.90
CA CYS B 276 6.87 -9.66 -21.46
C CYS B 276 6.40 -11.03 -20.96
N GLY B 277 6.26 -11.15 -19.64
CA GLY B 277 5.78 -12.36 -19.02
C GLY B 277 4.32 -12.27 -18.59
N ILE B 278 3.90 -13.28 -17.83
CA ILE B 278 2.54 -13.37 -17.32
C ILE B 278 2.62 -13.69 -15.83
N THR B 279 1.94 -12.90 -15.02
CA THR B 279 2.06 -13.01 -13.58
C THR B 279 0.87 -13.68 -12.91
N SER B 280 -0.32 -13.68 -13.52
CA SER B 280 -1.48 -14.30 -12.91
C SER B 280 -2.51 -14.62 -13.99
N VAL B 281 -3.38 -15.58 -13.68
CA VAL B 281 -4.46 -15.99 -14.57
C VAL B 281 -5.69 -16.32 -13.73
N SER B 282 -6.87 -16.02 -14.26
CA SER B 282 -8.11 -16.44 -13.63
C SER B 282 -9.21 -16.56 -14.68
N PHE B 283 -10.19 -17.43 -14.40
CA PHE B 283 -11.34 -17.64 -15.26
C PHE B 283 -12.56 -16.88 -14.75
N SER B 284 -13.58 -16.84 -15.60
CA SER B 284 -14.88 -16.29 -15.27
C SER B 284 -15.81 -17.40 -14.79
N LYS B 285 -17.10 -17.09 -14.67
CA LYS B 285 -18.01 -18.01 -14.01
C LYS B 285 -18.54 -19.07 -14.96
N SER B 286 -18.66 -18.76 -16.25
CA SER B 286 -19.12 -19.71 -17.23
C SER B 286 -18.00 -20.29 -18.08
N GLY B 287 -16.76 -19.87 -17.86
CA GLY B 287 -15.68 -20.31 -18.70
C GLY B 287 -15.60 -19.62 -20.05
N ARG B 288 -16.21 -18.45 -20.19
CA ARG B 288 -16.18 -17.72 -21.44
C ARG B 288 -15.27 -16.50 -21.41
N LEU B 289 -14.66 -16.20 -20.27
CA LEU B 289 -13.66 -15.14 -20.22
C LEU B 289 -12.44 -15.60 -19.45
N LEU B 290 -11.26 -15.34 -20.00
CA LEU B 290 -9.98 -15.61 -19.34
C LEU B 290 -9.21 -14.31 -19.21
N LEU B 291 -8.68 -14.07 -18.02
CA LEU B 291 -8.07 -12.80 -17.68
C LEU B 291 -6.60 -13.02 -17.38
N ALA B 292 -5.73 -12.13 -17.89
CA ALA B 292 -4.30 -12.30 -17.75
C ALA B 292 -3.64 -10.99 -17.33
N GLY B 293 -2.74 -11.07 -16.35
CA GLY B 293 -1.95 -9.92 -15.95
C GLY B 293 -0.54 -10.04 -16.47
N TYR B 294 -0.04 -8.95 -17.06
CA TYR B 294 1.27 -8.92 -17.71
C TYR B 294 2.17 -7.89 -17.03
N ASP B 295 3.40 -7.79 -17.55
CA ASP B 295 4.38 -6.80 -17.11
C ASP B 295 4.39 -5.55 -17.99
N ASP B 296 3.61 -5.52 -19.06
CA ASP B 296 3.47 -4.35 -19.91
C ASP B 296 2.47 -3.35 -19.36
N PHE B 297 2.24 -3.38 -18.05
CA PHE B 297 1.48 -2.41 -17.29
C PHE B 297 -0.03 -2.59 -17.41
N ASN B 298 -0.51 -3.72 -17.91
CA ASN B 298 -1.91 -3.89 -18.27
C ASN B 298 -2.45 -5.25 -17.83
N CYS B 299 -3.76 -5.42 -18.02
CA CYS B 299 -4.43 -6.71 -17.96
C CYS B 299 -5.21 -6.91 -19.24
N ASN B 300 -5.28 -8.15 -19.71
CA ASN B 300 -5.91 -8.47 -20.98
C ASN B 300 -7.04 -9.48 -20.78
N VAL B 301 -8.08 -9.34 -21.62
CA VAL B 301 -9.32 -10.08 -21.49
C VAL B 301 -9.52 -10.84 -22.80
N TRP B 302 -9.43 -12.17 -22.73
CA TRP B 302 -9.52 -13.08 -23.86
C TRP B 302 -10.79 -13.90 -23.79
N ASP B 303 -11.32 -14.24 -24.97
CA ASP B 303 -12.30 -15.30 -25.10
C ASP B 303 -11.60 -16.64 -25.05
N ALA B 304 -12.08 -17.52 -24.18
CA ALA B 304 -11.39 -18.78 -23.95
C ALA B 304 -11.52 -19.73 -25.14
N LEU B 305 -12.65 -19.69 -25.83
CA LEU B 305 -12.98 -20.76 -26.77
C LEU B 305 -12.56 -20.47 -28.20
N LYS B 306 -12.02 -19.30 -28.52
CA LYS B 306 -11.54 -19.06 -29.86
C LYS B 306 -10.22 -18.30 -29.93
N ALA B 307 -9.64 -17.90 -28.81
CA ALA B 307 -8.31 -17.30 -28.73
C ALA B 307 -8.19 -16.01 -29.52
N ASP B 308 -8.99 -15.01 -29.17
CA ASP B 308 -8.87 -13.66 -29.69
C ASP B 308 -8.76 -12.70 -28.51
N ARG B 309 -8.76 -11.41 -28.80
CA ARG B 309 -8.74 -10.40 -27.75
C ARG B 309 -10.06 -9.65 -27.72
N ALA B 310 -10.49 -9.31 -26.52
CA ALA B 310 -11.79 -8.67 -26.35
C ALA B 310 -11.68 -7.44 -25.47
N GLY B 311 -10.69 -7.39 -24.59
CA GLY B 311 -10.60 -6.20 -23.74
C GLY B 311 -9.24 -5.95 -23.17
N VAL B 312 -9.03 -4.69 -22.79
CA VAL B 312 -7.83 -4.25 -22.07
C VAL B 312 -8.29 -3.40 -20.90
N LEU B 313 -7.74 -3.68 -19.71
CA LEU B 313 -8.02 -2.91 -18.51
C LEU B 313 -6.78 -2.11 -18.16
N ALA B 314 -6.74 -0.85 -18.59
CA ALA B 314 -5.61 0.01 -18.34
C ALA B 314 -5.89 0.91 -17.14
N GLY B 315 -4.82 1.40 -16.54
CA GLY B 315 -4.98 2.27 -15.39
C GLY B 315 -3.92 2.12 -14.33
N HIS B 316 -3.04 1.16 -14.49
CA HIS B 316 -1.95 0.94 -13.54
C HIS B 316 -0.66 1.52 -14.07
N ASP B 317 0.17 2.03 -13.15
CA ASP B 317 1.43 2.69 -13.48
C ASP B 317 2.64 1.77 -13.32
N ASN B 318 2.44 0.51 -12.99
CA ASN B 318 3.54 -0.42 -12.82
C ASN B 318 3.03 -1.81 -13.20
N ARG B 319 3.78 -2.85 -12.84
CA ARG B 319 3.37 -4.20 -13.22
C ARG B 319 2.20 -4.67 -12.38
N VAL B 320 1.27 -5.36 -13.03
CA VAL B 320 0.15 -6.00 -12.34
C VAL B 320 0.64 -7.30 -11.71
N SER B 321 0.37 -7.47 -10.42
CA SER B 321 0.84 -8.62 -9.68
C SER B 321 -0.23 -9.66 -9.38
N CYS B 322 -1.46 -9.23 -9.11
CA CYS B 322 -2.50 -10.16 -8.68
C CYS B 322 -3.83 -9.78 -9.31
N LEU B 323 -4.65 -10.80 -9.61
CA LEU B 323 -6.00 -10.55 -10.07
C LEU B 323 -6.90 -11.71 -9.69
N GLY B 324 -8.16 -11.40 -9.39
CA GLY B 324 -9.10 -12.40 -8.91
C GLY B 324 -10.55 -12.08 -9.23
N VAL B 325 -11.39 -13.10 -9.13
CA VAL B 325 -12.81 -13.04 -9.50
C VAL B 325 -13.63 -13.59 -8.33
N THR B 326 -14.87 -13.10 -8.21
CA THR B 326 -15.74 -13.45 -7.09
C THR B 326 -16.42 -14.80 -7.33
N ASP B 327 -17.14 -15.24 -6.30
CA ASP B 327 -17.91 -16.48 -6.36
C ASP B 327 -19.33 -16.27 -6.82
N ASP B 328 -19.74 -15.04 -7.12
CA ASP B 328 -21.03 -14.76 -7.72
C ASP B 328 -20.94 -14.15 -9.10
N GLY B 329 -19.77 -13.64 -9.49
CA GLY B 329 -19.53 -13.20 -10.85
C GLY B 329 -19.62 -11.71 -11.10
N MET B 330 -19.83 -10.90 -10.07
CA MET B 330 -20.15 -9.50 -10.27
C MET B 330 -18.91 -8.65 -10.61
N ALA B 331 -17.76 -8.93 -10.00
CA ALA B 331 -16.64 -8.00 -10.10
C ALA B 331 -15.36 -8.71 -10.52
N VAL B 332 -14.34 -7.90 -10.81
CA VAL B 332 -12.97 -8.37 -10.98
C VAL B 332 -12.05 -7.44 -10.20
N ALA B 333 -11.10 -8.00 -9.46
CA ALA B 333 -10.19 -7.20 -8.66
C ALA B 333 -8.77 -7.35 -9.18
N THR B 334 -8.07 -6.22 -9.32
CA THR B 334 -6.67 -6.21 -9.76
C THR B 334 -5.81 -5.41 -8.81
N GLY B 335 -4.63 -5.92 -8.55
CA GLY B 335 -3.66 -5.23 -7.70
C GLY B 335 -2.27 -5.27 -8.30
N SER B 336 -1.57 -4.15 -8.18
CA SER B 336 -0.30 -3.95 -8.88
C SER B 336 0.77 -3.34 -7.99
N TRP B 337 1.91 -3.01 -8.57
CA TRP B 337 3.09 -2.59 -7.82
C TRP B 337 3.05 -1.13 -7.38
N ASP B 338 2.05 -0.38 -7.80
CA ASP B 338 1.89 1.01 -7.37
C ASP B 338 1.13 1.15 -6.06
N SER B 339 0.80 0.03 -5.42
CA SER B 339 0.17 -0.03 -4.10
C SER B 339 -1.30 0.38 -4.12
N PHE B 340 -2.00 0.12 -5.23
CA PHE B 340 -3.43 0.41 -5.32
C PHE B 340 -4.17 -0.84 -5.79
N LEU B 341 -5.38 -1.01 -5.26
CA LEU B 341 -6.30 -2.06 -5.70
C LEU B 341 -7.46 -1.44 -6.45
N LYS B 342 -8.01 -2.17 -7.41
CA LYS B 342 -9.10 -1.65 -8.22
C LYS B 342 -10.14 -2.72 -8.49
N ILE B 343 -11.40 -2.29 -8.54
CA ILE B 343 -12.54 -3.15 -8.73
C ILE B 343 -13.24 -2.75 -10.02
N TRP B 344 -13.55 -3.72 -10.86
CA TRP B 344 -14.06 -3.50 -12.20
C TRP B 344 -15.38 -4.24 -12.37
N ASN B 345 -16.32 -3.57 -13.01
CA ASN B 345 -17.63 -4.10 -13.30
C ASN B 345 -18.13 -3.44 -14.58
N VAL C 1 -12.25 -11.48 29.70
CA VAL C 1 -13.64 -11.06 29.64
C VAL C 1 -14.21 -10.97 31.03
N GLN C 2 -14.18 -9.77 31.60
CA GLN C 2 -14.75 -9.53 32.92
C GLN C 2 -14.90 -8.04 33.15
N LEU C 3 -16.11 -7.59 33.48
CA LEU C 3 -16.37 -6.19 33.81
C LEU C 3 -16.86 -6.12 35.25
N VAL C 4 -16.18 -5.34 36.07
CA VAL C 4 -16.55 -5.18 37.47
C VAL C 4 -16.68 -3.69 37.75
N GLU C 5 -17.83 -3.27 38.27
CA GLU C 5 -18.11 -1.86 38.45
C GLU C 5 -18.59 -1.58 39.86
N SER C 6 -18.37 -0.33 40.29
CA SER C 6 -18.59 0.05 41.68
C SER C 6 -18.99 1.52 41.78
N GLY C 7 -19.61 1.86 42.91
CA GLY C 7 -19.90 3.24 43.22
C GLY C 7 -21.23 3.52 43.90
N GLY C 8 -22.13 2.54 43.93
CA GLY C 8 -23.49 2.75 44.36
C GLY C 8 -23.62 3.12 45.83
N GLY C 9 -24.87 3.26 46.25
CA GLY C 9 -25.16 3.59 47.63
C GLY C 9 -26.41 4.44 47.73
N LEU C 10 -26.61 5.00 48.92
CA LEU C 10 -27.74 5.86 49.22
C LEU C 10 -27.24 7.30 49.35
N VAL C 11 -27.93 8.23 48.68
CA VAL C 11 -27.46 9.61 48.61
C VAL C 11 -28.59 10.56 49.01
N GLN C 12 -28.23 11.63 49.71
CA GLN C 12 -29.18 12.70 50.01
C GLN C 12 -29.43 13.53 48.76
N PRO C 13 -30.57 14.21 48.67
CA PRO C 13 -30.86 15.02 47.49
C PRO C 13 -29.83 16.11 47.28
N GLY C 14 -29.73 16.57 46.05
CA GLY C 14 -28.62 17.41 45.66
C GLY C 14 -27.41 16.53 45.43
N GLY C 15 -26.26 16.95 45.93
CA GLY C 15 -25.10 16.08 45.96
C GLY C 15 -24.59 15.71 44.57
N SER C 16 -23.64 14.78 44.58
CA SER C 16 -23.01 14.33 43.35
C SER C 16 -22.48 12.92 43.58
N ARG C 17 -22.14 12.25 42.47
CA ARG C 17 -21.61 10.89 42.59
C ARG C 17 -20.78 10.57 41.35
N LYS C 18 -19.89 9.59 41.52
CA LYS C 18 -18.95 9.19 40.49
C LYS C 18 -18.82 7.67 40.53
N LEU C 19 -19.31 7.00 39.49
CA LEU C 19 -19.27 5.55 39.41
C LEU C 19 -18.23 5.10 38.40
N SER C 20 -17.62 3.94 38.65
CA SER C 20 -16.48 3.50 37.86
C SER C 20 -16.65 2.04 37.45
N CYS C 21 -16.02 1.70 36.32
CA CYS C 21 -16.04 0.34 35.81
C CYS C 21 -14.64 -0.06 35.36
N SER C 22 -14.24 -1.28 35.71
CA SER C 22 -12.92 -1.82 35.43
C SER C 22 -13.05 -3.07 34.57
N ALA C 23 -12.29 -3.12 33.47
CA ALA C 23 -12.29 -4.22 32.54
C ALA C 23 -11.09 -5.12 32.79
N SER C 24 -11.23 -6.39 32.44
CA SER C 24 -10.16 -7.35 32.69
C SER C 24 -10.34 -8.54 31.74
N GLY C 25 -9.42 -8.68 30.79
CA GLY C 25 -9.38 -9.85 29.95
C GLY C 25 -9.58 -9.64 28.48
N PHE C 26 -9.64 -8.41 28.00
CA PHE C 26 -9.84 -8.17 26.57
C PHE C 26 -9.20 -6.83 26.20
N ALA C 27 -9.40 -6.43 24.94
CA ALA C 27 -8.80 -5.23 24.38
C ALA C 27 -9.78 -4.07 24.52
N PHE C 28 -9.65 -3.35 25.63
CA PHE C 28 -10.63 -2.31 25.99
C PHE C 28 -10.66 -1.16 25.02
N SER C 29 -9.58 -0.93 24.27
CA SER C 29 -9.45 0.27 23.46
C SER C 29 -10.05 0.12 22.07
N SER C 30 -10.60 -1.04 21.74
CA SER C 30 -11.29 -1.23 20.46
C SER C 30 -12.79 -1.40 20.62
N PHE C 31 -13.34 -1.05 21.78
CA PHE C 31 -14.76 -1.25 22.07
C PHE C 31 -15.43 0.06 22.43
N GLY C 32 -16.71 0.18 22.05
CA GLY C 32 -17.54 1.25 22.56
C GLY C 32 -18.28 0.82 23.82
N MET C 33 -18.68 1.80 24.64
CA MET C 33 -19.25 1.52 25.94
C MET C 33 -20.59 2.22 26.12
N HIS C 34 -21.51 1.52 26.80
CA HIS C 34 -22.85 2.03 27.09
C HIS C 34 -23.16 1.90 28.57
N TRP C 35 -23.94 2.86 29.08
CA TRP C 35 -24.55 2.78 30.39
C TRP C 35 -26.07 2.64 30.23
N VAL C 36 -26.65 1.62 30.88
CA VAL C 36 -28.05 1.28 30.80
C VAL C 36 -28.62 1.21 32.22
N ARG C 37 -29.95 1.34 32.34
CA ARG C 37 -30.60 1.53 33.64
C ARG C 37 -31.79 0.58 33.79
N GLN C 38 -32.06 0.19 35.05
CA GLN C 38 -33.22 -0.65 35.38
C GLN C 38 -33.92 -0.10 36.61
N ALA C 39 -35.23 0.11 36.49
CA ALA C 39 -36.04 0.62 37.58
C ALA C 39 -36.28 -0.46 38.63
N PRO C 40 -36.75 -0.08 39.82
CA PRO C 40 -36.92 -1.10 40.88
C PRO C 40 -37.78 -2.28 40.49
N GLU C 41 -38.88 -2.07 39.75
CA GLU C 41 -39.70 -3.20 39.32
C GLU C 41 -40.22 -3.04 37.89
N LYS C 42 -39.55 -2.24 37.06
CA LYS C 42 -40.06 -1.95 35.72
C LYS C 42 -39.03 -2.29 34.66
N GLY C 43 -39.28 -1.86 33.43
CA GLY C 43 -38.40 -2.17 32.32
C GLY C 43 -37.16 -1.30 32.30
N LEU C 44 -36.27 -1.64 31.37
CA LEU C 44 -34.98 -0.98 31.26
C LEU C 44 -35.13 0.35 30.54
N GLU C 45 -34.14 1.23 30.74
CA GLU C 45 -34.06 2.52 30.05
C GLU C 45 -32.59 2.83 29.75
N TRP C 46 -32.34 3.29 28.53
CA TRP C 46 -30.97 3.56 28.08
C TRP C 46 -30.49 4.92 28.59
N VAL C 47 -29.22 5.00 28.98
CA VAL C 47 -28.67 6.19 29.64
C VAL C 47 -27.68 6.94 28.75
N ALA C 48 -26.57 6.31 28.37
CA ALA C 48 -25.56 7.11 27.67
C ALA C 48 -24.59 6.22 26.90
N TYR C 49 -23.80 6.86 26.01
CA TYR C 49 -22.90 6.13 25.11
C TYR C 49 -21.63 6.91 24.84
N ILE C 50 -20.48 6.23 24.99
CA ILE C 50 -19.16 6.74 24.60
C ILE C 50 -18.52 5.75 23.63
N SER C 51 -17.70 6.25 22.73
CA SER C 51 -17.18 5.44 21.65
C SER C 51 -15.67 5.34 21.69
N SER C 52 -15.13 4.55 20.77
CA SER C 52 -13.69 4.42 20.62
C SER C 52 -13.11 5.72 20.07
N GLY C 53 -11.91 6.06 20.54
CA GLY C 53 -11.27 7.28 20.13
C GLY C 53 -11.71 8.53 20.88
N SER C 54 -12.64 8.39 21.83
CA SER C 54 -13.12 9.52 22.62
C SER C 54 -13.62 10.65 21.73
N GLY C 55 -14.33 10.28 20.68
CA GLY C 55 -14.94 11.23 19.79
C GLY C 55 -16.41 11.39 20.10
N THR C 56 -17.26 10.69 19.34
CA THR C 56 -18.70 10.79 19.49
C THR C 56 -19.13 10.46 20.91
N ILE C 57 -20.02 11.28 21.46
CA ILE C 57 -20.63 11.06 22.77
C ILE C 57 -22.11 11.36 22.67
N TYR C 58 -22.96 10.48 23.21
CA TYR C 58 -24.39 10.68 23.18
C TYR C 58 -24.98 10.52 24.57
N TYR C 59 -25.98 11.33 24.88
CA TYR C 59 -26.77 11.23 26.10
C TYR C 59 -28.24 11.01 25.76
N ALA C 60 -29.05 10.88 26.80
CA ALA C 60 -30.49 10.75 26.65
C ALA C 60 -31.13 12.12 26.74
N ASP C 61 -32.45 12.17 26.88
CA ASP C 61 -33.14 13.45 26.95
C ASP C 61 -33.56 13.84 28.36
N THR C 62 -33.73 12.88 29.26
CA THR C 62 -34.23 13.15 30.60
C THR C 62 -33.13 13.38 31.63
N VAL C 63 -31.86 13.31 31.23
CA VAL C 63 -30.77 13.55 32.16
C VAL C 63 -29.71 14.44 31.52
N LYS C 64 -29.98 14.94 30.32
CA LYS C 64 -28.94 15.63 29.55
C LYS C 64 -28.51 16.91 30.26
N GLY C 65 -27.21 17.16 30.24
CA GLY C 65 -26.63 18.29 30.91
C GLY C 65 -26.24 18.05 32.35
N ARG C 66 -26.78 17.00 32.97
CA ARG C 66 -26.41 16.65 34.34
C ARG C 66 -25.40 15.52 34.40
N PHE C 67 -25.53 14.52 33.54
CA PHE C 67 -24.60 13.41 33.51
C PHE C 67 -23.44 13.74 32.59
N THR C 68 -22.30 13.09 32.83
CA THR C 68 -21.20 13.14 31.88
C THR C 68 -20.42 11.84 31.95
N ILE C 69 -19.78 11.48 30.84
CA ILE C 69 -19.15 10.19 30.67
C ILE C 69 -17.68 10.40 30.30
N SER C 70 -16.82 9.49 30.73
CA SER C 70 -15.41 9.57 30.37
C SER C 70 -14.78 8.20 30.41
N ARG C 71 -13.65 8.06 29.71
CA ARG C 71 -12.91 6.81 29.69
C ARG C 71 -11.43 7.07 29.87
N ASP C 72 -10.71 6.05 30.35
CA ASP C 72 -9.26 6.10 30.47
C ASP C 72 -8.71 4.78 29.96
N ASP C 73 -7.95 4.83 28.86
CA ASP C 73 -7.52 3.64 28.15
C ASP C 73 -6.30 2.95 28.77
N PRO C 74 -5.22 3.67 29.10
CA PRO C 74 -4.04 2.97 29.65
C PRO C 74 -4.31 2.25 30.96
N LYS C 75 -5.33 2.64 31.71
CA LYS C 75 -5.70 1.95 32.92
C LYS C 75 -7.00 1.17 32.81
N ASN C 76 -7.70 1.27 31.67
CA ASN C 76 -8.93 0.50 31.39
C ASN C 76 -10.02 0.79 32.44
N THR C 77 -10.48 2.04 32.45
CA THR C 77 -11.48 2.42 33.44
C THR C 77 -12.47 3.43 32.88
N LEU C 78 -13.77 3.14 33.06
CA LEU C 78 -14.84 4.07 32.69
C LEU C 78 -15.36 4.82 33.90
N PHE C 79 -15.74 6.08 33.69
CA PHE C 79 -16.33 6.92 34.71
C PHE C 79 -17.65 7.51 34.24
N LEU C 80 -18.65 7.47 35.11
CA LEU C 80 -19.88 8.25 34.95
C LEU C 80 -19.94 9.23 36.11
N GLN C 81 -20.12 10.51 35.79
CA GLN C 81 -20.16 11.59 36.78
C GLN C 81 -21.54 12.22 36.74
N MET C 82 -22.27 12.15 37.84
CA MET C 82 -23.66 12.61 37.87
C MET C 82 -23.84 13.62 38.99
N THR C 83 -24.63 14.66 38.72
CA THR C 83 -24.88 15.75 39.66
C THR C 83 -26.35 16.13 39.66
N SER C 84 -26.78 16.75 40.77
CA SER C 84 -28.15 17.22 40.96
C SER C 84 -29.16 16.07 40.83
N LEU C 85 -29.05 15.15 41.78
CA LEU C 85 -29.86 13.93 41.78
C LEU C 85 -31.20 14.17 42.45
N ARG C 86 -32.26 13.74 41.78
CA ARG C 86 -33.64 13.84 42.23
C ARG C 86 -34.14 12.47 42.69
N SER C 87 -35.43 12.39 43.00
CA SER C 87 -36.02 11.16 43.49
C SER C 87 -36.33 10.17 42.38
N GLU C 88 -36.16 10.55 41.12
CA GLU C 88 -36.42 9.66 40.00
C GLU C 88 -35.17 8.97 39.49
N ASP C 89 -34.02 9.18 40.12
CA ASP C 89 -32.77 8.53 39.73
C ASP C 89 -32.43 7.36 40.64
N THR C 90 -33.42 6.65 41.16
CA THR C 90 -33.22 5.50 42.01
C THR C 90 -33.37 4.25 41.16
N ALA C 91 -32.28 3.51 40.96
CA ALA C 91 -32.32 2.39 40.03
C ALA C 91 -31.03 1.59 40.13
N MET C 92 -30.98 0.52 39.34
CA MET C 92 -29.75 -0.25 39.11
C MET C 92 -29.12 0.23 37.81
N TYR C 93 -27.79 0.32 37.80
CA TYR C 93 -27.03 0.78 36.65
C TYR C 93 -26.13 -0.33 36.15
N TYR C 94 -26.05 -0.48 34.84
CA TYR C 94 -25.31 -1.57 34.20
C TYR C 94 -24.42 -1.02 33.11
N CYS C 95 -23.31 -1.71 32.86
CA CYS C 95 -22.34 -1.38 31.84
C CYS C 95 -22.38 -2.42 30.73
N VAL C 96 -22.21 -1.97 29.49
CA VAL C 96 -22.35 -2.85 28.33
C VAL C 96 -21.27 -2.56 27.31
N ARG C 97 -20.69 -3.61 26.75
CA ARG C 97 -19.67 -3.56 25.71
C ARG C 97 -20.34 -3.57 24.34
N SER C 98 -19.68 -2.98 23.35
CA SER C 98 -20.15 -3.06 21.99
C SER C 98 -18.99 -2.88 21.02
N ILE C 99 -19.18 -3.37 19.80
CA ILE C 99 -18.20 -3.16 18.73
C ILE C 99 -18.94 -3.15 17.40
N TYR C 100 -18.51 -2.28 16.48
CA TYR C 100 -19.20 -2.08 15.21
C TYR C 100 -18.24 -2.22 14.04
N TYR C 101 -18.34 -3.35 13.34
CA TYR C 101 -17.80 -3.51 12.00
C TYR C 101 -18.69 -4.52 11.29
N TYR C 102 -18.36 -4.81 10.04
CA TYR C 102 -19.23 -5.68 9.26
C TYR C 102 -19.25 -7.10 9.83
N GLY C 103 -20.35 -7.47 10.48
CA GLY C 103 -20.53 -8.80 11.02
C GLY C 103 -20.48 -8.89 12.52
N SER C 104 -20.18 -7.80 13.22
CA SER C 104 -20.06 -7.86 14.65
C SER C 104 -21.43 -8.01 15.32
N SER C 105 -21.40 -8.40 16.58
CA SER C 105 -22.61 -8.67 17.37
C SER C 105 -22.59 -7.79 18.59
N PRO C 106 -23.07 -6.56 18.49
CA PRO C 106 -23.03 -5.64 19.64
C PRO C 106 -23.90 -6.12 20.79
N PHE C 107 -23.56 -5.62 21.98
CA PHE C 107 -24.23 -5.94 23.24
C PHE C 107 -23.98 -7.39 23.65
N ASP C 108 -22.75 -7.85 23.48
CA ASP C 108 -22.40 -9.24 23.69
C ASP C 108 -21.87 -9.55 25.09
N PHE C 109 -21.70 -8.54 25.96
CA PHE C 109 -21.31 -8.83 27.32
C PHE C 109 -21.81 -7.73 28.25
N TRP C 110 -22.28 -8.14 29.43
CA TRP C 110 -22.77 -7.22 30.44
C TRP C 110 -22.10 -7.54 31.76
N GLY C 111 -22.09 -6.57 32.65
CA GLY C 111 -21.58 -6.73 33.99
C GLY C 111 -22.63 -7.22 34.95
N GLN C 112 -22.45 -6.89 36.23
CA GLN C 112 -23.41 -7.28 37.26
C GLN C 112 -24.09 -6.09 37.92
N GLY C 113 -23.75 -4.86 37.57
CA GLY C 113 -24.53 -3.70 37.95
C GLY C 113 -24.16 -3.14 39.30
N THR C 114 -24.79 -2.01 39.62
CA THR C 114 -24.67 -1.39 40.93
C THR C 114 -25.99 -0.72 41.28
N THR C 115 -26.19 -0.48 42.58
CA THR C 115 -27.43 0.08 43.09
C THR C 115 -27.24 1.54 43.45
N LEU C 116 -28.23 2.36 43.12
CA LEU C 116 -28.21 3.75 43.53
C LEU C 116 -29.59 4.13 44.03
N THR C 117 -29.65 4.72 45.22
CA THR C 117 -30.92 5.02 45.88
C THR C 117 -30.92 6.47 46.35
N VAL C 118 -32.07 7.13 46.18
CA VAL C 118 -32.26 8.51 46.60
C VAL C 118 -33.47 8.56 47.53
N SER C 119 -33.30 9.17 48.69
CA SER C 119 -34.39 9.31 49.65
C SER C 119 -35.41 10.33 49.19
N SER C 136 -39.48 12.57 16.96
CA SER C 136 -39.47 12.18 18.35
C SER C 136 -39.09 10.71 18.51
N ASP C 137 -39.22 10.18 19.73
CA ASP C 137 -38.73 8.85 20.04
C ASP C 137 -39.69 7.78 19.55
N ILE C 138 -39.14 6.67 19.05
CA ILE C 138 -39.93 5.56 18.55
C ILE C 138 -40.47 4.76 19.73
N VAL C 139 -41.74 4.40 19.67
CA VAL C 139 -42.43 3.72 20.76
C VAL C 139 -42.64 2.27 20.38
N MET C 140 -42.24 1.36 21.27
CA MET C 140 -42.49 -0.06 21.10
C MET C 140 -43.20 -0.60 22.33
N THR C 141 -44.14 -1.49 22.11
CA THR C 141 -45.05 -1.98 23.14
C THR C 141 -45.02 -3.50 23.18
N GLN C 142 -44.98 -4.05 24.39
CA GLN C 142 -45.03 -5.47 24.62
C GLN C 142 -46.46 -5.96 24.50
N ALA C 143 -46.62 -7.21 24.07
CA ALA C 143 -47.95 -7.78 23.91
C ALA C 143 -48.65 -7.96 25.25
N THR C 144 -47.96 -8.56 26.21
CA THR C 144 -48.59 -8.95 27.47
C THR C 144 -47.58 -8.82 28.59
N SER C 145 -47.92 -9.40 29.75
CA SER C 145 -47.08 -9.34 30.93
C SER C 145 -46.76 -10.70 31.53
N SER C 146 -47.61 -11.70 31.32
CA SER C 146 -47.34 -13.03 31.86
C SER C 146 -48.09 -14.07 31.06
N VAL C 147 -47.51 -15.26 30.96
CA VAL C 147 -48.13 -16.39 30.27
C VAL C 147 -47.93 -17.65 31.10
N PRO C 148 -48.97 -18.44 31.35
CA PRO C 148 -48.80 -19.71 32.07
C PRO C 148 -48.23 -20.78 31.15
N VAL C 149 -47.14 -21.42 31.59
CA VAL C 149 -46.39 -22.35 30.77
C VAL C 149 -46.29 -23.69 31.48
N THR C 150 -45.70 -24.67 30.79
CA THR C 150 -45.53 -26.03 31.27
C THR C 150 -44.35 -26.61 30.50
N PRO C 151 -43.42 -27.31 31.17
CA PRO C 151 -42.22 -27.79 30.47
C PRO C 151 -42.55 -28.78 29.36
N GLY C 152 -41.69 -28.78 28.34
CA GLY C 152 -41.83 -29.69 27.22
C GLY C 152 -42.63 -29.18 26.06
N GLU C 153 -43.23 -27.99 26.16
CA GLU C 153 -44.07 -27.44 25.11
C GLU C 153 -43.30 -26.40 24.29
N SER C 154 -44.01 -25.72 23.39
CA SER C 154 -43.46 -24.63 22.61
C SER C 154 -44.16 -23.34 22.98
N VAL C 155 -43.47 -22.21 22.75
CA VAL C 155 -43.98 -20.91 23.17
C VAL C 155 -43.54 -19.84 22.18
N SER C 156 -44.28 -18.73 22.14
CA SER C 156 -43.93 -17.61 21.28
C SER C 156 -44.34 -16.30 21.96
N ILE C 157 -43.58 -15.24 21.67
CA ILE C 157 -43.80 -13.92 22.23
C ILE C 157 -43.78 -12.91 21.09
N SER C 158 -44.44 -11.77 21.28
CA SER C 158 -44.51 -10.74 20.25
C SER C 158 -44.36 -9.36 20.85
N CYS C 159 -43.78 -8.44 20.07
CA CYS C 159 -43.78 -7.02 20.44
C CYS C 159 -43.92 -6.18 19.18
N ARG C 160 -44.43 -4.96 19.38
CA ARG C 160 -44.94 -4.12 18.31
C ARG C 160 -44.22 -2.78 18.30
N SER C 161 -44.04 -2.21 17.11
CA SER C 161 -43.33 -0.95 16.93
C SER C 161 -44.25 0.11 16.35
N SER C 162 -43.67 1.26 15.98
CA SER C 162 -44.43 2.39 15.47
C SER C 162 -43.73 3.05 14.29
N LYS C 163 -42.94 2.29 13.54
CA LYS C 163 -42.24 2.74 12.34
C LYS C 163 -41.49 1.54 11.79
N SER C 164 -41.07 1.62 10.54
CA SER C 164 -40.34 0.54 9.92
C SER C 164 -38.89 0.55 10.40
N LEU C 165 -38.39 -0.62 10.79
CA LEU C 165 -36.99 -0.78 11.19
C LEU C 165 -36.11 -1.25 10.04
N LEU C 166 -36.66 -1.44 8.86
CA LEU C 166 -35.90 -1.93 7.71
C LEU C 166 -35.26 -0.72 7.05
N HIS C 167 -33.97 -0.52 7.31
CA HIS C 167 -33.21 0.46 6.56
C HIS C 167 -32.97 -0.02 5.13
N SER C 168 -32.63 0.93 4.26
CA SER C 168 -32.54 0.63 2.83
C SER C 168 -31.43 -0.33 2.48
N ASN C 169 -30.46 -0.55 3.38
CA ASN C 169 -29.29 -1.36 3.06
C ASN C 169 -29.51 -2.84 3.31
N GLY C 170 -30.70 -3.25 3.74
CA GLY C 170 -31.02 -4.64 3.91
C GLY C 170 -31.03 -5.15 5.34
N ASN C 171 -30.81 -4.28 6.32
CA ASN C 171 -30.73 -4.71 7.71
C ASN C 171 -32.11 -4.72 8.36
N THR C 172 -32.13 -5.00 9.66
CA THR C 172 -33.31 -4.80 10.49
C THR C 172 -32.82 -4.77 11.93
N TYR C 173 -32.98 -3.61 12.58
CA TYR C 173 -32.33 -3.32 13.86
C TYR C 173 -33.31 -3.58 14.99
N LEU C 174 -33.38 -4.83 15.43
CA LEU C 174 -34.16 -5.18 16.60
C LEU C 174 -33.44 -6.28 17.36
N TYR C 175 -33.49 -6.20 18.68
CA TYR C 175 -32.73 -7.08 19.54
C TYR C 175 -33.63 -7.75 20.56
N TRP C 176 -33.28 -8.99 20.93
CA TRP C 176 -34.01 -9.76 21.94
C TRP C 176 -33.03 -10.23 23.01
N PHE C 177 -33.29 -9.86 24.27
CA PHE C 177 -32.51 -10.20 25.45
C PHE C 177 -33.33 -11.02 26.44
N LEU C 178 -32.63 -11.63 27.39
CA LEU C 178 -33.21 -12.48 28.43
C LEU C 178 -32.61 -12.13 29.78
N GLN C 179 -33.43 -12.17 30.82
CA GLN C 179 -32.98 -11.90 32.18
C GLN C 179 -33.65 -12.89 33.12
N ARG C 180 -32.84 -13.72 33.79
CA ARG C 180 -33.25 -14.76 34.71
C ARG C 180 -33.42 -14.18 36.11
N PRO C 181 -34.13 -14.87 37.01
CA PRO C 181 -34.43 -14.27 38.32
C PRO C 181 -33.22 -14.19 39.25
N GLY C 182 -32.43 -13.13 39.09
CA GLY C 182 -31.31 -12.87 39.97
C GLY C 182 -30.01 -12.67 39.23
N GLN C 183 -30.08 -12.39 37.93
CA GLN C 183 -28.89 -12.30 37.10
C GLN C 183 -28.92 -11.09 36.18
N SER C 184 -27.99 -11.04 35.21
CA SER C 184 -27.81 -9.98 34.26
C SER C 184 -28.14 -10.44 32.84
N PRO C 185 -28.57 -9.54 31.96
CA PRO C 185 -29.08 -9.95 30.65
C PRO C 185 -28.02 -10.61 29.77
N GLN C 186 -28.48 -11.50 28.90
CA GLN C 186 -27.64 -12.26 27.99
C GLN C 186 -28.25 -12.24 26.60
N LEU C 187 -27.44 -11.93 25.59
CA LEU C 187 -27.99 -11.73 24.26
C LEU C 187 -28.54 -13.03 23.70
N LEU C 188 -29.69 -12.94 23.02
CA LEU C 188 -30.34 -14.07 22.38
C LEU C 188 -30.48 -13.87 20.87
N ILE C 189 -30.98 -12.73 20.42
CA ILE C 189 -31.12 -12.48 18.99
C ILE C 189 -30.68 -11.07 18.67
N TYR C 190 -29.79 -10.95 17.68
CA TYR C 190 -29.32 -9.65 17.19
C TYR C 190 -29.69 -9.49 15.73
N ARG C 191 -30.18 -8.30 15.39
CA ARG C 191 -30.62 -7.96 14.04
C ARG C 191 -31.73 -8.88 13.55
N MET C 192 -32.58 -9.33 14.46
CA MET C 192 -33.90 -9.92 14.29
C MET C 192 -33.82 -11.38 13.82
N SER C 193 -32.64 -11.93 13.51
CA SER C 193 -32.65 -13.32 13.08
C SER C 193 -31.48 -14.17 13.59
N ASN C 194 -30.41 -13.54 14.06
CA ASN C 194 -29.16 -14.25 14.26
C ASN C 194 -28.96 -14.64 15.72
N LEU C 195 -28.22 -15.73 15.93
CA LEU C 195 -28.00 -16.30 17.25
C LEU C 195 -26.67 -15.84 17.82
N ALA C 196 -26.69 -15.43 19.09
CA ALA C 196 -25.46 -15.06 19.77
C ALA C 196 -24.68 -16.32 20.14
N SER C 197 -23.44 -16.11 20.59
CA SER C 197 -22.58 -17.23 20.91
C SER C 197 -22.88 -17.78 22.30
N GLY C 198 -22.71 -19.09 22.45
CA GLY C 198 -22.94 -19.73 23.72
C GLY C 198 -24.39 -19.93 24.08
N VAL C 199 -25.27 -20.13 23.11
CA VAL C 199 -26.69 -20.31 23.37
C VAL C 199 -27.18 -21.59 22.72
N PRO C 200 -28.22 -22.23 23.26
CA PRO C 200 -28.79 -23.41 22.60
C PRO C 200 -29.38 -23.06 21.25
N ASP C 201 -29.40 -24.04 20.36
CA ASP C 201 -29.88 -23.86 18.99
C ASP C 201 -31.39 -24.06 18.86
N ARG C 202 -32.13 -23.91 19.95
CA ARG C 202 -33.58 -24.10 19.95
C ARG C 202 -34.36 -22.80 19.86
N PHE C 203 -33.69 -21.66 19.81
CA PHE C 203 -34.34 -20.36 19.73
C PHE C 203 -34.43 -19.89 18.28
N SER C 204 -35.43 -19.08 17.98
CA SER C 204 -35.49 -18.46 16.67
C SER C 204 -36.33 -17.20 16.73
N GLY C 205 -36.21 -16.38 15.71
CA GLY C 205 -36.94 -15.12 15.67
C GLY C 205 -37.35 -14.75 14.27
N SER C 206 -38.49 -14.08 14.15
CA SER C 206 -39.01 -13.69 12.86
C SER C 206 -39.86 -12.45 13.02
N GLY C 207 -40.19 -11.82 11.91
CA GLY C 207 -41.11 -10.70 11.96
C GLY C 207 -41.19 -10.00 10.63
N SER C 208 -42.16 -9.11 10.55
CA SER C 208 -42.33 -8.22 9.42
C SER C 208 -42.26 -6.79 9.92
N GLY C 209 -42.15 -5.85 8.99
CA GLY C 209 -42.11 -4.44 9.36
C GLY C 209 -43.20 -4.08 10.36
N THR C 210 -42.78 -3.58 11.52
CA THR C 210 -43.66 -3.10 12.59
C THR C 210 -44.42 -4.23 13.30
N ALA C 211 -43.84 -5.44 13.35
CA ALA C 211 -44.42 -6.52 14.14
C ALA C 211 -43.43 -7.67 14.27
N PHE C 212 -43.18 -8.17 15.48
CA PHE C 212 -42.11 -9.15 15.61
C PHE C 212 -42.46 -10.21 16.63
N THR C 213 -41.96 -11.43 16.39
CA THR C 213 -42.25 -12.60 17.20
C THR C 213 -40.99 -13.43 17.43
N LEU C 214 -40.73 -13.75 18.70
CA LEU C 214 -39.72 -14.70 19.13
C LEU C 214 -40.37 -16.06 19.33
N THR C 215 -39.70 -17.13 18.92
CA THR C 215 -40.22 -18.48 19.07
C THR C 215 -39.21 -19.39 19.78
N ILE C 216 -39.73 -20.19 20.72
CA ILE C 216 -38.95 -21.17 21.47
C ILE C 216 -39.62 -22.52 21.29
N SER C 217 -38.82 -23.52 20.91
CA SER C 217 -39.29 -24.89 20.76
C SER C 217 -38.57 -25.80 21.75
N ARG C 218 -39.26 -26.83 22.20
CA ARG C 218 -38.72 -27.82 23.12
C ARG C 218 -38.26 -27.15 24.42
N LEU C 219 -39.22 -26.57 25.14
CA LEU C 219 -38.90 -25.79 26.32
C LEU C 219 -38.21 -26.64 27.37
N GLU C 220 -37.28 -26.03 28.09
CA GLU C 220 -36.53 -26.67 29.15
C GLU C 220 -36.55 -25.77 30.38
N ALA C 221 -36.34 -26.37 31.54
CA ALA C 221 -36.20 -25.58 32.75
C ALA C 221 -34.95 -24.71 32.64
N GLU C 222 -34.87 -23.72 33.52
CA GLU C 222 -33.88 -22.64 33.48
C GLU C 222 -34.04 -21.76 32.25
N ASP C 223 -35.18 -21.85 31.55
CA ASP C 223 -35.57 -20.89 30.52
C ASP C 223 -36.68 -19.97 31.01
N VAL C 224 -36.88 -19.90 32.31
CA VAL C 224 -37.90 -19.06 32.92
C VAL C 224 -37.29 -17.72 33.32
N GLY C 225 -38.03 -16.65 33.07
CA GLY C 225 -37.52 -15.31 33.37
C GLY C 225 -38.34 -14.24 32.68
N VAL C 226 -37.67 -13.12 32.37
CA VAL C 226 -38.30 -11.99 31.71
C VAL C 226 -37.50 -11.66 30.45
N TYR C 227 -38.21 -11.47 29.33
CA TYR C 227 -37.58 -11.24 28.05
C TYR C 227 -37.77 -9.80 27.63
N TYR C 228 -36.91 -9.30 26.74
CA TYR C 228 -36.91 -7.89 26.38
C TYR C 228 -36.61 -7.70 24.90
N CYS C 229 -37.21 -6.67 24.31
CA CYS C 229 -36.99 -6.35 22.90
C CYS C 229 -36.64 -4.87 22.75
N MET C 230 -35.54 -4.61 22.04
CA MET C 230 -34.92 -3.30 21.90
C MET C 230 -34.85 -2.90 20.43
N GLN C 231 -34.80 -1.61 20.16
CA GLN C 231 -34.47 -1.10 18.83
C GLN C 231 -33.18 -0.29 18.89
N HIS C 232 -32.52 -0.17 17.74
CA HIS C 232 -31.27 0.57 17.61
C HIS C 232 -31.21 1.36 16.32
N LEU C 233 -32.37 1.74 15.76
CA LEU C 233 -32.38 2.33 14.42
C LEU C 233 -31.76 3.72 14.43
N GLU C 234 -31.97 4.47 15.51
CA GLU C 234 -31.47 5.83 15.60
C GLU C 234 -31.60 6.28 17.05
N TYR C 235 -30.60 7.01 17.52
CA TYR C 235 -30.63 7.47 18.89
C TYR C 235 -31.78 8.46 19.09
N PRO C 236 -32.45 8.43 20.24
CA PRO C 236 -32.24 7.58 21.42
C PRO C 236 -32.77 6.15 21.27
N LEU C 237 -32.27 5.27 22.13
CA LEU C 237 -32.70 3.89 22.21
C LEU C 237 -33.91 3.77 23.13
N THR C 238 -34.82 2.86 22.79
CA THR C 238 -36.07 2.75 23.50
C THR C 238 -36.42 1.29 23.75
N PHE C 239 -36.98 1.02 24.93
CA PHE C 239 -37.30 -0.31 25.41
C PHE C 239 -38.81 -0.57 25.37
N GLY C 240 -39.18 -1.78 25.79
CA GLY C 240 -40.55 -2.14 26.05
C GLY C 240 -40.75 -2.47 27.53
N ALA C 241 -41.99 -2.85 27.85
CA ALA C 241 -42.36 -3.08 29.24
C ALA C 241 -41.69 -4.34 29.79
N GLY C 242 -41.79 -5.45 29.07
CA GLY C 242 -41.22 -6.70 29.50
C GLY C 242 -42.26 -7.79 29.70
N THR C 243 -41.99 -8.97 29.18
CA THR C 243 -42.90 -10.10 29.26
C THR C 243 -42.28 -11.21 30.11
N LYS C 244 -43.14 -11.93 30.83
CA LYS C 244 -42.71 -12.85 31.86
C LYS C 244 -43.32 -14.22 31.61
N LEU C 245 -42.54 -15.27 31.90
CA LEU C 245 -43.02 -16.64 31.83
C LEU C 245 -43.04 -17.21 33.24
N GLU C 246 -44.19 -17.72 33.66
CA GLU C 246 -44.37 -18.29 34.98
C GLU C 246 -44.56 -19.79 34.84
N LEU C 247 -43.65 -20.57 35.42
CA LEU C 247 -43.72 -22.01 35.32
C LEU C 247 -44.80 -22.57 36.24
N THR D 6 25.42 -46.15 -7.18
CA THR D 6 24.66 -46.67 -6.05
C THR D 6 23.24 -46.09 -6.06
N ALA D 7 23.10 -44.85 -5.60
CA ALA D 7 21.80 -44.19 -5.60
C ALA D 7 21.26 -43.98 -7.00
N SER D 8 22.13 -43.94 -8.01
CA SER D 8 21.66 -43.79 -9.39
C SER D 8 20.79 -44.96 -9.81
N ILE D 9 21.14 -46.17 -9.35
CA ILE D 9 20.33 -47.34 -9.68
C ILE D 9 18.93 -47.20 -9.08
N ALA D 10 18.86 -46.77 -7.82
CA ALA D 10 17.54 -46.58 -7.19
C ALA D 10 16.75 -45.49 -7.90
N GLN D 11 17.41 -44.39 -8.30
CA GLN D 11 16.72 -43.32 -9.00
C GLN D 11 16.17 -43.83 -10.34
N ALA D 12 16.97 -44.60 -11.08
CA ALA D 12 16.50 -45.14 -12.35
C ALA D 12 15.33 -46.09 -12.14
N ARG D 13 15.41 -46.94 -11.12
CA ARG D 13 14.31 -47.87 -10.84
C ARG D 13 13.03 -47.11 -10.51
N LYS D 14 13.14 -46.07 -9.67
CA LYS D 14 11.97 -45.29 -9.31
C LYS D 14 11.38 -44.57 -10.52
N LEU D 15 12.24 -44.02 -11.38
CA LEU D 15 11.75 -43.34 -12.57
C LEU D 15 11.04 -44.32 -13.50
N VAL D 16 11.59 -45.52 -13.66
CA VAL D 16 10.95 -46.52 -14.50
C VAL D 16 9.60 -46.92 -13.92
N GLU D 17 9.54 -47.12 -12.61
CA GLU D 17 8.27 -47.49 -12.00
C GLU D 17 7.23 -46.40 -12.17
N GLN D 18 7.64 -45.14 -12.00
CA GLN D 18 6.70 -44.03 -12.17
C GLN D 18 6.20 -43.94 -13.60
N LEU D 19 7.09 -44.09 -14.58
CA LEU D 19 6.67 -44.03 -15.97
C LEU D 19 5.73 -45.18 -16.31
N LYS D 20 6.02 -46.37 -15.78
CA LYS D 20 5.15 -47.51 -16.02
C LYS D 20 3.76 -47.27 -15.44
N MET D 21 3.69 -46.75 -14.23
CA MET D 21 2.39 -46.46 -13.64
C MET D 21 1.66 -45.34 -14.39
N GLU D 22 2.41 -44.40 -14.97
CA GLU D 22 1.78 -43.28 -15.66
C GLU D 22 1.22 -43.68 -17.01
N ALA D 23 1.89 -44.60 -17.71
CA ALA D 23 1.49 -44.91 -19.09
C ALA D 23 0.26 -45.80 -19.19
N ASN D 24 -0.36 -46.19 -18.08
CA ASN D 24 -1.46 -47.15 -18.08
C ASN D 24 -2.82 -46.50 -17.85
N ILE D 25 -3.08 -45.34 -18.44
CA ILE D 25 -4.30 -44.58 -18.22
C ILE D 25 -5.18 -44.66 -19.46
N ASP D 26 -6.49 -44.73 -19.25
CA ASP D 26 -7.44 -44.68 -20.36
C ASP D 26 -7.43 -43.29 -21.01
N ARG D 27 -7.74 -43.26 -22.30
CA ARG D 27 -7.77 -42.00 -23.04
C ARG D 27 -8.96 -41.99 -23.98
N ILE D 28 -9.45 -40.79 -24.26
CA ILE D 28 -10.58 -40.57 -25.16
C ILE D 28 -10.17 -39.53 -26.21
N LYS D 29 -11.11 -39.21 -27.09
CA LYS D 29 -10.83 -38.28 -28.17
C LYS D 29 -10.92 -36.83 -27.69
N VAL D 30 -10.47 -35.92 -28.54
CA VAL D 30 -10.41 -34.51 -28.16
C VAL D 30 -11.65 -33.75 -28.63
N SER D 31 -12.27 -34.18 -29.72
CA SER D 31 -13.50 -33.52 -30.16
C SER D 31 -14.59 -33.67 -29.12
N LYS D 32 -14.62 -34.82 -28.44
CA LYS D 32 -15.57 -35.00 -27.35
C LYS D 32 -15.33 -34.00 -26.22
N ALA D 33 -14.06 -33.79 -25.84
CA ALA D 33 -13.76 -32.81 -24.79
C ALA D 33 -14.11 -31.40 -25.23
N ALA D 34 -13.86 -31.07 -26.49
CA ALA D 34 -14.24 -29.76 -27.01
C ALA D 34 -15.74 -29.56 -26.94
N ALA D 35 -16.51 -30.58 -27.33
CA ALA D 35 -17.96 -30.49 -27.23
C ALA D 35 -18.40 -30.31 -25.79
N ASP D 36 -17.75 -31.01 -24.86
CA ASP D 36 -18.13 -30.89 -23.45
C ASP D 36 -17.89 -29.47 -22.94
N LEU D 37 -16.74 -28.89 -23.25
CA LEU D 37 -16.45 -27.52 -22.83
C LEU D 37 -17.44 -26.53 -23.44
N MET D 38 -17.73 -26.69 -24.74
CA MET D 38 -18.67 -25.79 -25.40
C MET D 38 -20.05 -25.90 -24.79
N ALA D 39 -20.49 -27.13 -24.47
CA ALA D 39 -21.80 -27.31 -23.86
C ALA D 39 -21.86 -26.65 -22.49
N TYR D 40 -20.80 -26.80 -21.69
CA TYR D 40 -20.80 -26.14 -20.38
C TYR D 40 -20.87 -24.64 -20.55
N CYS D 41 -20.15 -24.08 -21.52
CA CYS D 41 -20.19 -22.65 -21.73
C CYS D 41 -21.58 -22.17 -22.12
N GLU D 42 -22.27 -22.94 -22.98
CA GLU D 42 -23.60 -22.53 -23.41
C GLU D 42 -24.63 -22.67 -22.30
N ALA D 43 -24.47 -23.67 -21.43
CA ALA D 43 -25.52 -23.96 -20.44
C ALA D 43 -25.69 -22.82 -19.45
N HIS D 44 -24.61 -22.21 -18.98
CA HIS D 44 -24.65 -21.19 -17.95
C HIS D 44 -24.41 -19.79 -18.53
N ALA D 45 -24.97 -19.53 -19.72
CA ALA D 45 -24.69 -18.28 -20.42
C ALA D 45 -25.44 -17.09 -19.84
N LYS D 46 -26.65 -17.29 -19.32
CA LYS D 46 -27.49 -16.19 -18.88
C LYS D 46 -27.23 -15.76 -17.44
N GLU D 47 -26.36 -16.46 -16.72
CA GLU D 47 -26.09 -16.14 -15.32
C GLU D 47 -24.68 -15.61 -15.10
N ASP D 48 -24.00 -15.17 -16.15
CA ASP D 48 -22.66 -14.61 -16.03
C ASP D 48 -22.70 -13.12 -16.31
N PRO D 49 -22.65 -12.26 -15.29
CA PRO D 49 -22.82 -10.83 -15.54
C PRO D 49 -21.66 -10.14 -16.25
N LEU D 50 -20.44 -10.62 -16.09
CA LEU D 50 -19.31 -10.00 -16.79
C LEU D 50 -19.45 -10.16 -18.30
N LEU D 51 -19.87 -11.34 -18.74
CA LEU D 51 -20.10 -11.57 -20.15
C LEU D 51 -21.39 -10.93 -20.65
N THR D 52 -22.42 -10.87 -19.81
CA THR D 52 -23.70 -10.24 -20.16
C THR D 52 -24.09 -9.29 -19.04
N PRO D 53 -24.00 -7.98 -19.25
CA PRO D 53 -24.19 -7.04 -18.15
C PRO D 53 -25.60 -7.09 -17.56
N VAL D 54 -25.76 -6.42 -16.42
CA VAL D 54 -27.00 -6.50 -15.65
C VAL D 54 -27.54 -5.09 -15.43
N PRO D 55 -28.84 -4.96 -15.19
CA PRO D 55 -29.41 -3.63 -14.91
C PRO D 55 -28.83 -3.01 -13.65
N ALA D 56 -28.80 -1.68 -13.64
CA ALA D 56 -28.16 -0.94 -12.55
C ALA D 56 -28.97 -0.93 -11.27
N SER D 57 -30.23 -1.37 -11.31
CA SER D 57 -31.05 -1.38 -10.11
C SER D 57 -30.70 -2.49 -9.14
N GLU D 58 -30.03 -3.54 -9.61
CA GLU D 58 -29.63 -4.66 -8.78
C GLU D 58 -28.12 -4.84 -8.76
N ASN D 59 -27.37 -3.81 -9.12
CA ASN D 59 -25.91 -3.91 -9.22
C ASN D 59 -25.28 -3.20 -8.04
N PRO D 60 -24.68 -3.92 -7.09
CA PRO D 60 -24.09 -3.26 -5.92
C PRO D 60 -22.92 -2.36 -6.24
N PHE D 61 -22.26 -2.55 -7.39
CA PHE D 61 -21.10 -1.74 -7.74
C PHE D 61 -21.42 -0.66 -8.78
N ARG D 62 -22.28 -0.96 -9.75
CA ARG D 62 -22.63 0.02 -10.76
C ARG D 62 -23.68 1.00 -10.24
N SER E 2 3.96 54.52 -16.81
CA SER E 2 3.52 53.14 -16.62
C SER E 2 4.61 52.15 -17.01
N SER E 3 5.83 52.40 -16.56
CA SER E 3 6.96 51.53 -16.83
C SER E 3 7.15 50.59 -15.65
N PHE E 4 7.63 49.38 -15.94
CA PHE E 4 7.73 48.35 -14.91
C PHE E 4 8.65 48.82 -13.78
N ALA E 5 9.64 49.65 -14.11
CA ALA E 5 10.62 50.08 -13.13
C ALA E 5 9.97 50.77 -11.94
N ILE E 6 8.78 51.36 -12.11
CA ILE E 6 8.15 52.08 -11.01
C ILE E 6 7.72 51.15 -9.89
N LEU E 7 7.79 49.84 -10.11
CA LEU E 7 7.68 48.92 -8.99
C LEU E 7 8.88 49.02 -8.06
N MET E 8 10.00 49.54 -8.54
CA MET E 8 11.16 49.76 -7.70
C MET E 8 11.82 51.11 -7.92
N ALA E 9 11.37 51.89 -8.89
CA ALA E 9 12.02 53.16 -9.19
C ALA E 9 11.81 54.15 -8.05
N HIS E 10 12.65 55.17 -8.04
CA HIS E 10 12.58 56.23 -7.06
C HIS E 10 12.12 57.56 -7.63
N TYR E 11 12.69 57.98 -8.76
CA TYR E 11 12.55 59.34 -9.24
C TYR E 11 11.37 59.53 -10.18
N ASP E 12 10.35 58.68 -10.06
CA ASP E 12 9.14 58.80 -10.89
C ASP E 12 9.51 58.86 -12.37
N VAL E 13 10.33 57.92 -12.79
CA VAL E 13 10.90 57.92 -14.14
C VAL E 13 9.98 57.14 -15.06
N GLU E 14 9.46 57.82 -16.09
CA GLU E 14 8.62 57.21 -17.09
C GLU E 14 9.07 57.62 -18.48
N ASP E 15 8.84 56.73 -19.45
CA ASP E 15 9.11 57.01 -20.86
C ASP E 15 8.28 56.05 -21.70
N TRP E 16 8.07 56.42 -22.96
CA TRP E 16 7.07 55.73 -23.76
C TRP E 16 7.52 54.35 -24.20
N LYS E 17 8.77 54.21 -24.65
CA LYS E 17 9.24 52.92 -25.13
C LYS E 17 9.32 51.90 -24.01
N LEU E 18 9.68 52.35 -22.80
CA LEU E 18 9.64 51.46 -21.65
C LEU E 18 8.24 50.91 -21.43
N THR E 19 7.23 51.77 -21.54
CA THR E 19 5.85 51.33 -21.35
C THR E 19 5.43 50.33 -22.41
N LEU E 20 5.79 50.58 -23.67
CA LEU E 20 5.42 49.65 -24.74
C LEU E 20 6.06 48.28 -24.52
N ILE E 21 7.36 48.28 -24.19
CA ILE E 21 8.05 47.02 -23.92
C ILE E 21 7.40 46.30 -22.75
N THR E 22 7.03 47.04 -21.71
CA THR E 22 6.40 46.41 -20.56
C THR E 22 5.08 45.76 -20.95
N ARG E 23 4.28 46.43 -21.76
CA ARG E 23 3.00 45.85 -22.18
C ARG E 23 3.21 44.53 -22.92
N VAL E 24 4.08 44.55 -23.94
CA VAL E 24 4.31 43.34 -24.72
C VAL E 24 4.83 42.21 -23.83
N GLY E 25 5.78 42.53 -22.96
CA GLY E 25 6.37 41.52 -22.10
C GLY E 25 5.37 40.89 -21.16
N LEU E 26 4.56 41.70 -20.49
CA LEU E 26 3.58 41.13 -19.58
C LEU E 26 2.52 40.33 -20.32
N ALA E 27 2.18 40.70 -21.55
CA ALA E 27 1.24 39.88 -22.31
C ALA E 27 1.80 38.48 -22.55
N LEU E 28 3.03 38.41 -23.09
CA LEU E 28 3.64 37.10 -23.31
C LEU E 28 3.78 36.33 -22.00
N SER E 29 4.14 37.02 -20.93
CA SER E 29 4.31 36.37 -19.64
C SER E 29 3.00 35.77 -19.15
N LEU E 30 1.90 36.51 -19.28
CA LEU E 30 0.63 35.95 -18.80
C LEU E 30 0.27 34.70 -19.57
N PHE E 31 0.49 34.69 -20.89
CA PHE E 31 0.21 33.49 -21.65
C PHE E 31 1.06 32.31 -21.16
N CYS E 32 2.36 32.55 -20.98
CA CYS E 32 3.25 31.47 -20.59
C CYS E 32 2.95 30.97 -19.18
N LEU E 33 2.55 31.85 -18.27
CA LEU E 33 2.16 31.39 -16.93
C LEU E 33 0.92 30.52 -16.98
N LEU E 34 -0.05 30.87 -17.84
CA LEU E 34 -1.21 29.98 -17.99
C LEU E 34 -0.77 28.59 -18.43
N LEU E 35 0.14 28.53 -19.41
CA LEU E 35 0.65 27.23 -19.85
C LEU E 35 1.35 26.49 -18.71
N CYS E 36 2.17 27.20 -17.93
CA CYS E 36 2.89 26.56 -16.83
C CYS E 36 1.93 25.95 -15.82
N ILE E 37 0.89 26.70 -15.44
CA ILE E 37 -0.04 26.18 -14.45
C ILE E 37 -0.76 24.96 -14.99
N LEU E 38 -1.19 25.01 -16.26
CA LEU E 38 -1.83 23.84 -16.84
C LEU E 38 -0.91 22.64 -16.79
N THR E 39 0.35 22.81 -17.20
CA THR E 39 1.26 21.66 -17.28
C THR E 39 1.56 21.10 -15.90
N PHE E 40 1.82 21.94 -14.90
CA PHE E 40 2.10 21.41 -13.57
C PHE E 40 0.85 20.92 -12.88
N LEU E 41 -0.35 21.17 -13.44
CA LEU E 41 -1.55 20.55 -12.91
C LEU E 41 -1.90 19.24 -13.59
N LEU E 42 -1.46 19.03 -14.84
CA LEU E 42 -1.90 17.87 -15.60
C LEU E 42 -0.95 16.67 -15.51
N VAL E 43 0.34 16.89 -15.75
CA VAL E 43 1.27 15.77 -15.87
C VAL E 43 1.53 15.14 -14.51
N ARG E 44 1.33 13.82 -14.42
CA ARG E 44 1.48 13.07 -13.17
C ARG E 44 2.92 12.69 -12.84
N PRO E 45 3.73 12.13 -13.77
CA PRO E 45 5.03 11.57 -13.38
C PRO E 45 6.04 12.53 -12.77
N ILE E 46 5.71 13.81 -12.64
CA ILE E 46 6.67 14.76 -12.06
C ILE E 46 6.12 15.34 -10.76
N GLN E 47 5.33 14.56 -10.03
CA GLN E 47 4.82 15.03 -8.75
C GLN E 47 5.94 15.13 -7.73
N GLY E 48 5.79 16.07 -6.82
CA GLY E 48 6.79 16.28 -5.79
C GLY E 48 6.63 17.65 -5.16
N SER E 49 7.55 17.94 -4.23
CA SER E 49 7.51 19.24 -3.56
C SER E 49 7.92 20.37 -4.50
N ARG E 50 8.94 20.13 -5.33
CA ARG E 50 9.40 21.15 -6.27
C ARG E 50 8.31 21.56 -7.24
N THR E 51 7.56 20.59 -7.76
CA THR E 51 6.46 20.90 -8.67
C THR E 51 5.40 21.73 -7.97
N THR E 52 5.12 21.42 -6.70
CA THR E 52 4.17 22.20 -5.93
C THR E 52 4.61 23.66 -5.80
N ILE E 53 5.88 23.89 -5.44
CA ILE E 53 6.36 25.25 -5.28
C ILE E 53 6.33 26.00 -6.62
N HIS E 54 6.70 25.32 -7.70
CA HIS E 54 6.62 25.93 -9.03
C HIS E 54 5.19 26.35 -9.34
N LEU E 55 4.23 25.48 -9.08
CA LEU E 55 2.83 25.78 -9.34
C LEU E 55 2.40 27.04 -8.60
N HIS E 56 2.72 27.10 -7.31
CA HIS E 56 2.27 28.25 -6.52
C HIS E 56 2.92 29.54 -6.99
N LEU E 57 4.21 29.50 -7.33
CA LEU E 57 4.86 30.70 -7.83
C LEU E 57 4.21 31.18 -9.12
N CYS E 58 3.91 30.25 -10.03
CA CYS E 58 3.28 30.63 -11.28
C CYS E 58 1.93 31.28 -11.05
N ILE E 59 1.11 30.71 -10.15
CA ILE E 59 -0.20 31.27 -9.87
C ILE E 59 -0.08 32.70 -9.34
N CYS E 60 0.77 32.90 -8.33
CA CYS E 60 0.90 34.23 -7.75
C CYS E 60 1.35 35.23 -8.80
N LEU E 61 2.31 34.84 -9.63
CA LEU E 61 2.84 35.77 -10.62
C LEU E 61 1.78 36.16 -11.64
N PHE E 62 1.00 35.19 -12.12
CA PHE E 62 -0.04 35.48 -13.09
C PHE E 62 -1.06 36.47 -12.52
N VAL E 63 -1.56 36.18 -11.32
CA VAL E 63 -2.57 37.05 -10.73
C VAL E 63 -2.04 38.46 -10.54
N GLY E 64 -0.84 38.57 -9.96
CA GLY E 64 -0.29 39.89 -9.68
C GLY E 64 -0.05 40.71 -10.93
N SER E 65 0.47 40.07 -11.98
CA SER E 65 0.72 40.79 -13.23
C SER E 65 -0.59 41.27 -13.84
N THR E 66 -1.63 40.43 -13.81
CA THR E 66 -2.91 40.86 -14.35
C THR E 66 -3.45 42.07 -13.60
N ILE E 67 -3.39 42.05 -12.26
CA ILE E 67 -3.89 43.17 -11.49
C ILE E 67 -3.10 44.45 -11.77
N PHE E 68 -1.77 44.34 -11.85
CA PHE E 68 -0.95 45.51 -12.15
C PHE E 68 -1.31 46.09 -13.51
N LEU E 69 -1.42 45.23 -14.54
CA LEU E 69 -1.76 45.74 -15.86
C LEU E 69 -3.14 46.37 -15.87
N ALA E 70 -4.04 45.88 -15.02
CA ALA E 70 -5.37 46.46 -14.94
C ALA E 70 -5.33 47.86 -14.35
N GLY E 71 -4.65 48.05 -13.23
CA GLY E 71 -4.87 49.24 -12.45
C GLY E 71 -3.71 50.15 -12.13
N ILE E 72 -2.80 50.40 -13.08
CA ILE E 72 -1.60 51.16 -12.76
C ILE E 72 -1.75 52.64 -13.10
N GLU E 73 -2.30 52.98 -14.26
CA GLU E 73 -2.39 54.37 -14.66
C GLU E 73 -3.48 55.09 -13.88
N ASN E 74 -3.25 56.38 -13.62
CA ASN E 74 -4.23 57.24 -12.98
C ASN E 74 -4.37 58.54 -13.76
N GLU E 75 -5.56 59.14 -13.67
CA GLU E 75 -5.87 60.35 -14.42
C GLU E 75 -5.28 61.60 -13.80
N GLY E 76 -4.75 61.52 -12.58
CA GLY E 76 -4.22 62.69 -11.90
C GLY E 76 -5.17 63.35 -10.93
N GLY E 77 -6.28 62.70 -10.58
CA GLY E 77 -7.24 63.30 -9.67
C GLY E 77 -6.89 63.13 -8.22
N GLN E 78 -7.86 62.72 -7.41
CA GLN E 78 -7.70 62.60 -5.98
C GLN E 78 -7.34 61.15 -5.61
N VAL E 79 -7.35 60.86 -4.31
CA VAL E 79 -7.04 59.54 -3.79
C VAL E 79 -8.28 58.99 -3.09
N GLY E 80 -8.76 57.85 -3.58
CA GLY E 80 -9.95 57.23 -3.02
C GLY E 80 -9.74 55.81 -2.54
N LEU E 81 -10.79 55.00 -2.57
CA LEU E 81 -10.67 53.61 -2.14
C LEU E 81 -10.00 52.74 -3.20
N ARG E 82 -10.29 53.00 -4.47
CA ARG E 82 -9.79 52.13 -5.54
C ARG E 82 -8.27 52.13 -5.60
N CYS E 83 -7.66 53.31 -5.52
CA CYS E 83 -6.21 53.41 -5.67
C CYS E 83 -5.49 52.69 -4.54
N ARG E 84 -5.94 52.89 -3.30
CA ARG E 84 -5.29 52.21 -2.18
C ARG E 84 -5.53 50.71 -2.23
N LEU E 85 -6.72 50.30 -2.68
CA LEU E 85 -6.99 48.87 -2.80
C LEU E 85 -6.04 48.20 -3.80
N VAL E 86 -5.86 48.82 -4.97
CA VAL E 86 -4.98 48.19 -5.93
C VAL E 86 -3.52 48.23 -5.45
N ALA E 87 -3.13 49.28 -4.74
CA ALA E 87 -1.79 49.31 -4.16
C ALA E 87 -1.56 48.12 -3.22
N GLY E 88 -2.49 47.91 -2.29
CA GLY E 88 -2.35 46.80 -1.37
C GLY E 88 -2.32 45.44 -2.06
N LEU E 89 -3.16 45.28 -3.09
CA LEU E 89 -3.18 44.00 -3.80
C LEU E 89 -1.85 43.71 -4.46
N LEU E 90 -1.28 44.71 -5.16
CA LEU E 90 0.01 44.49 -5.80
C LEU E 90 1.09 44.17 -4.78
N HIS E 91 1.11 44.91 -3.66
CA HIS E 91 2.09 44.63 -2.61
C HIS E 91 2.02 43.19 -2.15
N TYR E 92 0.82 42.71 -1.79
CA TYR E 92 0.68 41.36 -1.27
C TYR E 92 1.09 40.32 -2.31
N CYS E 93 0.63 40.48 -3.55
CA CYS E 93 0.97 39.50 -4.58
C CYS E 93 2.48 39.36 -4.73
N PHE E 94 3.19 40.48 -4.88
CA PHE E 94 4.62 40.36 -5.16
C PHE E 94 5.40 39.86 -3.95
N LEU E 95 4.97 40.24 -2.75
CA LEU E 95 5.71 39.80 -1.58
C LEU E 95 5.53 38.30 -1.36
N ALA E 96 4.33 37.77 -1.62
CA ALA E 96 4.13 36.32 -1.57
C ALA E 96 4.96 35.60 -2.63
N ALA E 97 5.08 36.18 -3.83
CA ALA E 97 5.91 35.57 -4.86
C ALA E 97 7.36 35.43 -4.40
N PHE E 98 7.91 36.46 -3.77
CA PHE E 98 9.28 36.33 -3.30
C PHE E 98 9.41 35.30 -2.19
N CYS E 99 8.40 35.19 -1.33
CA CYS E 99 8.46 34.11 -0.33
C CYS E 99 8.54 32.74 -1.00
N TRP E 100 7.81 32.56 -2.11
CA TRP E 100 7.90 31.29 -2.83
C TRP E 100 9.30 31.04 -3.39
N MET E 101 9.93 32.07 -3.96
CA MET E 101 11.30 31.87 -4.45
C MET E 101 12.24 31.45 -3.32
N SER E 102 12.05 32.03 -2.13
CA SER E 102 12.86 31.62 -0.98
C SER E 102 12.66 30.15 -0.65
N LEU E 103 11.43 29.67 -0.73
CA LEU E 103 11.18 28.25 -0.49
C LEU E 103 11.89 27.37 -1.53
N GLU E 104 11.95 27.84 -2.78
CA GLU E 104 12.74 27.12 -3.80
C GLU E 104 14.19 26.99 -3.39
N GLY E 105 14.78 28.08 -2.91
CA GLY E 105 16.14 28.01 -2.40
C GLY E 105 16.33 27.00 -1.28
N LEU E 106 15.38 26.98 -0.33
CA LEU E 106 15.50 26.02 0.78
C LEU E 106 15.42 24.57 0.29
N GLU E 107 14.52 24.29 -0.64
CA GLU E 107 14.44 22.94 -1.19
C GLU E 107 15.75 22.54 -1.85
N LEU E 108 16.37 23.48 -2.57
CA LEU E 108 17.66 23.19 -3.17
C LEU E 108 18.69 22.84 -2.11
N TYR E 109 18.66 23.54 -0.98
CA TYR E 109 19.57 23.23 0.11
C TYR E 109 19.35 21.82 0.65
N PHE E 110 18.09 21.41 0.80
CA PHE E 110 17.85 20.03 1.20
C PHE E 110 18.34 19.02 0.18
N LEU E 111 18.29 19.34 -1.11
CA LEU E 111 18.75 18.36 -2.09
C LEU E 111 20.27 18.24 -2.11
N VAL E 112 20.99 19.34 -1.91
CA VAL E 112 22.41 19.32 -2.26
C VAL E 112 23.37 19.27 -1.07
N VAL E 113 23.04 19.93 0.04
CA VAL E 113 23.97 19.99 1.16
C VAL E 113 23.72 18.84 2.13
N ARG E 114 22.53 18.79 2.73
CA ARG E 114 22.15 17.69 3.62
C ARG E 114 21.46 16.64 2.76
N VAL E 115 22.25 15.65 2.33
CA VAL E 115 21.84 14.80 1.23
C VAL E 115 20.69 13.89 1.61
N PHE E 116 20.70 13.35 2.82
CA PHE E 116 19.85 12.23 3.15
C PHE E 116 18.38 12.59 3.06
N GLN E 117 17.60 11.71 2.45
CA GLN E 117 16.16 11.92 2.35
C GLN E 117 15.54 11.87 3.74
N GLY E 118 14.60 12.77 3.99
CA GLY E 118 14.00 12.87 5.30
C GLY E 118 12.60 13.44 5.21
N GLN E 119 11.94 13.46 6.36
CA GLN E 119 10.59 14.01 6.46
C GLN E 119 10.72 15.52 6.68
N GLY E 120 10.61 16.28 5.60
CA GLY E 120 10.68 17.73 5.66
C GLY E 120 9.32 18.36 5.90
N LEU E 121 9.18 19.59 5.43
CA LEU E 121 7.92 20.30 5.58
C LEU E 121 6.85 19.67 4.71
N SER E 122 5.66 19.53 5.28
CA SER E 122 4.51 19.05 4.54
C SER E 122 3.94 20.18 3.67
N THR E 123 2.82 19.90 3.00
CA THR E 123 2.24 20.90 2.11
C THR E 123 1.63 22.06 2.90
N ARG E 124 0.99 21.76 4.03
CA ARG E 124 0.29 22.81 4.76
C ARG E 124 1.24 23.83 5.36
N TRP E 125 2.40 23.39 5.86
CA TRP E 125 3.37 24.36 6.37
C TRP E 125 3.96 25.20 5.24
N LEU E 126 4.16 24.59 4.06
CA LEU E 126 4.57 25.36 2.89
C LEU E 126 3.56 26.46 2.60
N CYS E 127 2.27 26.11 2.60
CA CYS E 127 1.25 27.10 2.27
C CYS E 127 1.10 28.14 3.38
N LEU E 128 1.38 27.77 4.62
CA LEU E 128 1.35 28.76 5.69
C LEU E 128 2.46 29.77 5.53
N ILE E 129 3.70 29.31 5.34
CA ILE E 129 4.81 30.25 5.26
C ILE E 129 4.74 31.07 3.99
N GLY E 130 4.31 30.46 2.88
CA GLY E 130 4.22 31.21 1.64
C GLY E 130 3.17 32.30 1.67
N TYR E 131 2.01 32.01 2.25
CA TYR E 131 0.88 32.92 2.24
C TYR E 131 0.62 33.59 3.57
N GLY E 132 1.41 33.31 4.60
CA GLY E 132 1.16 33.87 5.91
C GLY E 132 2.00 35.08 6.27
N VAL E 133 3.31 35.01 5.99
CA VAL E 133 4.18 36.15 6.26
C VAL E 133 3.75 37.41 5.50
N PRO E 134 3.38 37.35 4.21
CA PRO E 134 2.94 38.57 3.54
C PRO E 134 1.74 39.23 4.20
N LEU E 135 0.81 38.44 4.75
CA LEU E 135 -0.34 39.01 5.44
C LEU E 135 0.10 39.81 6.66
N LEU E 136 1.01 39.26 7.45
CA LEU E 136 1.53 39.99 8.60
C LEU E 136 2.22 41.27 8.17
N ILE E 137 3.05 41.20 7.12
CA ILE E 137 3.80 42.38 6.70
C ILE E 137 2.85 43.48 6.25
N VAL E 138 1.87 43.13 5.41
CA VAL E 138 0.95 44.15 4.92
C VAL E 138 0.07 44.68 6.04
N GLY E 139 -0.30 43.82 7.00
CA GLY E 139 -1.12 44.28 8.10
C GLY E 139 -0.41 45.29 8.97
N VAL E 140 0.83 44.99 9.35
CA VAL E 140 1.59 45.94 10.18
C VAL E 140 1.89 47.20 9.38
N SER E 141 2.18 47.05 8.08
CA SER E 141 2.47 48.23 7.25
C SER E 141 1.27 49.15 7.15
N ALA E 142 0.06 48.59 6.97
CA ALA E 142 -1.13 49.41 6.90
C ALA E 142 -1.50 49.99 8.26
N ALA E 143 -1.21 49.26 9.34
CA ALA E 143 -1.51 49.78 10.67
C ALA E 143 -0.61 50.95 11.04
N ILE E 144 0.66 50.91 10.66
CA ILE E 144 1.60 51.93 11.08
C ILE E 144 1.25 53.27 10.46
N TYR E 145 0.98 53.29 9.16
CA TYR E 145 0.73 54.55 8.46
C TYR E 145 -0.08 54.23 7.21
N SER E 146 -1.39 54.47 7.27
CA SER E 146 -2.27 54.13 6.16
C SER E 146 -2.32 55.20 5.08
N LYS E 147 -1.65 56.32 5.27
CA LYS E 147 -1.68 57.41 4.29
C LYS E 147 -0.55 57.32 3.27
N GLY E 148 0.24 56.25 3.29
CA GLY E 148 1.30 56.05 2.32
C GLY E 148 0.90 55.28 1.08
N TYR E 149 -0.32 54.76 1.05
CA TYR E 149 -0.77 53.93 -0.05
C TYR E 149 -1.36 54.82 -1.13
N GLY E 150 -0.81 54.76 -2.32
CA GLY E 150 -1.27 55.63 -3.39
C GLY E 150 -0.41 56.88 -3.53
N ARG E 151 -0.35 57.40 -4.75
CA ARG E 151 0.46 58.56 -5.07
C ARG E 151 -0.36 59.55 -5.87
N PRO E 152 0.09 60.80 -5.96
CA PRO E 152 -0.58 61.74 -6.86
C PRO E 152 -0.68 61.26 -8.29
N ARG E 153 0.32 60.53 -8.78
CA ARG E 153 0.34 60.12 -10.18
C ARG E 153 0.00 58.65 -10.39
N TYR E 154 0.57 57.73 -9.60
CA TYR E 154 0.37 56.31 -9.80
C TYR E 154 -0.11 55.65 -8.53
N CYS E 155 -0.90 54.58 -8.68
CA CYS E 155 -1.37 53.79 -7.55
C CYS E 155 -0.28 52.78 -7.17
N TRP E 156 0.67 53.26 -6.37
CA TRP E 156 1.71 52.43 -5.78
C TRP E 156 2.27 53.17 -4.57
N LEU E 157 3.19 52.52 -3.87
CA LEU E 157 3.68 53.06 -2.62
C LEU E 157 4.38 54.40 -2.84
N ASP E 158 4.38 55.21 -1.79
CA ASP E 158 4.82 56.60 -1.84
C ASP E 158 6.20 56.75 -1.23
N PHE E 159 6.93 57.76 -1.70
CA PHE E 159 8.31 57.96 -1.32
C PHE E 159 8.46 58.68 0.02
N GLU E 160 7.37 59.14 0.62
CA GLU E 160 7.45 59.83 1.89
C GLU E 160 7.82 58.86 3.01
N GLN E 161 8.53 59.38 4.01
CA GLN E 161 8.98 58.64 5.18
C GLN E 161 9.83 57.43 4.84
N GLY E 162 10.24 57.28 3.57
CA GLY E 162 10.93 56.07 3.17
C GLY E 162 10.06 54.85 3.12
N PHE E 163 8.74 55.03 3.00
CA PHE E 163 7.80 53.92 3.08
C PHE E 163 8.10 52.84 2.03
N LEU E 164 8.74 53.23 0.92
CA LEU E 164 9.03 52.28 -0.14
C LEU E 164 9.93 51.15 0.33
N TRP E 165 10.69 51.35 1.42
CA TRP E 165 11.52 50.27 1.92
C TRP E 165 10.69 49.05 2.30
N SER E 166 9.40 49.21 2.56
CA SER E 166 8.54 48.08 2.86
C SER E 166 8.35 47.14 1.67
N PHE E 167 9.03 47.39 0.54
CA PHE E 167 9.15 46.39 -0.51
C PHE E 167 10.58 45.99 -0.80
N LEU E 168 11.57 46.77 -0.37
CA LEU E 168 12.96 46.42 -0.57
C LEU E 168 13.65 45.94 0.69
N GLY E 169 12.91 45.82 1.80
CA GLY E 169 13.45 45.24 3.00
C GLY E 169 13.44 43.74 2.93
N PRO E 170 12.25 43.14 2.84
CA PRO E 170 12.18 41.69 2.64
C PRO E 170 12.86 41.21 1.37
N VAL E 171 12.78 41.97 0.28
CA VAL E 171 13.31 41.49 -1.00
C VAL E 171 14.82 41.36 -0.93
N THR E 172 15.51 42.42 -0.52
CA THR E 172 16.97 42.40 -0.49
C THR E 172 17.49 41.22 0.31
N PHE E 173 17.02 41.07 1.55
CA PHE E 173 17.49 39.98 2.40
C PHE E 173 17.22 38.62 1.79
N ILE E 174 16.16 38.49 0.99
CA ILE E 174 15.92 37.22 0.32
C ILE E 174 17.00 36.95 -0.70
N ILE E 175 17.30 37.94 -1.55
CA ILE E 175 18.15 37.68 -2.71
C ILE E 175 19.54 37.24 -2.27
N LEU E 176 20.15 38.00 -1.37
CA LEU E 176 21.50 37.67 -0.93
C LEU E 176 21.57 36.34 -0.21
N CYS E 177 20.43 35.79 0.21
CA CYS E 177 20.45 34.42 0.72
C CYS E 177 20.58 33.43 -0.43
N ASN E 178 19.67 33.51 -1.40
CA ASN E 178 19.77 32.62 -2.55
C ASN E 178 21.09 32.79 -3.27
N ALA E 179 21.62 34.01 -3.31
CA ALA E 179 22.88 34.29 -3.98
C ALA E 179 24.04 33.51 -3.38
N VAL E 180 23.90 33.01 -2.15
CA VAL E 180 24.90 32.08 -1.64
C VAL E 180 24.65 30.69 -2.17
N ILE E 181 23.42 30.19 -2.00
CA ILE E 181 23.11 28.80 -2.34
C ILE E 181 23.48 28.53 -3.78
N PHE E 182 23.09 29.43 -4.68
CA PHE E 182 23.44 29.34 -6.09
C PHE E 182 24.87 28.89 -6.29
N VAL E 183 25.81 29.66 -5.72
CA VAL E 183 27.23 29.38 -5.95
C VAL E 183 27.54 27.94 -5.56
N THR E 184 27.13 27.55 -4.35
CA THR E 184 27.42 26.21 -3.87
C THR E 184 27.01 25.16 -4.90
N THR E 185 25.77 25.25 -5.40
CA THR E 185 25.29 24.24 -6.31
C THR E 185 26.21 24.09 -7.50
N VAL E 186 26.54 25.21 -8.16
CA VAL E 186 27.37 25.12 -9.35
C VAL E 186 28.70 24.46 -9.02
N TRP E 187 29.28 24.84 -7.88
CA TRP E 187 30.55 24.25 -7.48
C TRP E 187 30.46 22.74 -7.47
N LYS E 188 29.43 22.19 -6.80
CA LYS E 188 29.34 20.74 -6.72
C LYS E 188 29.23 20.14 -8.10
N LEU E 189 28.46 20.77 -8.99
CA LEU E 189 28.33 20.24 -10.34
C LEU E 189 29.69 20.15 -11.01
N THR E 190 30.50 21.21 -10.90
CA THR E 190 31.79 21.19 -11.57
C THR E 190 32.75 20.18 -10.97
N GLN E 191 32.45 19.63 -9.80
CA GLN E 191 33.28 18.59 -9.21
C GLN E 191 32.76 17.19 -9.50
N LYS E 192 31.58 17.06 -10.11
CA LYS E 192 30.98 15.74 -10.25
C LYS E 192 30.52 15.42 -11.66
N PHE E 193 30.53 16.36 -12.59
CA PHE E 193 29.91 16.13 -13.88
C PHE E 193 30.50 14.90 -14.59
N SER E 194 31.83 14.86 -14.72
CA SER E 194 32.47 13.74 -15.38
C SER E 194 32.13 12.41 -14.73
N GLU E 195 31.88 12.41 -13.42
CA GLU E 195 31.50 11.17 -12.74
C GLU E 195 30.16 10.66 -13.25
N ILE E 196 29.18 11.54 -13.41
CA ILE E 196 27.89 11.09 -13.95
C ILE E 196 28.06 10.66 -15.41
N ASN E 197 28.69 11.50 -16.22
CA ASN E 197 28.83 11.26 -17.65
C ASN E 197 30.28 11.42 -18.06
N PRO E 198 30.95 10.35 -18.47
CA PRO E 198 32.39 10.44 -18.77
C PRO E 198 32.73 10.64 -20.23
N ASP E 199 31.73 10.73 -21.10
CA ASP E 199 31.93 10.60 -22.54
C ASP E 199 31.50 11.83 -23.33
N MET E 200 31.90 13.03 -22.90
CA MET E 200 31.69 14.23 -23.69
C MET E 200 33.03 14.90 -23.99
N LYS E 201 33.06 15.71 -25.04
CA LYS E 201 34.11 16.68 -25.22
C LYS E 201 33.86 17.89 -24.32
N LYS E 202 34.85 18.79 -24.24
CA LYS E 202 34.75 19.90 -23.32
C LYS E 202 33.62 20.85 -23.67
N LEU E 203 33.26 20.93 -24.95
CA LEU E 203 32.26 21.91 -25.39
C LEU E 203 30.88 21.56 -24.84
N LYS E 204 30.49 20.29 -24.91
CA LYS E 204 29.18 19.89 -24.41
C LYS E 204 29.10 20.06 -22.91
N LYS E 205 30.20 19.81 -22.21
CA LYS E 205 30.26 20.04 -20.77
C LYS E 205 30.03 21.52 -20.44
N ALA E 206 30.81 22.39 -21.10
CA ALA E 206 30.72 23.82 -20.85
C ALA E 206 29.40 24.41 -21.29
N ARG E 207 28.64 23.72 -22.15
CA ARG E 207 27.32 24.23 -22.50
C ARG E 207 26.22 23.71 -21.58
N ALA E 208 26.28 22.42 -21.20
CA ALA E 208 25.28 21.89 -20.28
C ALA E 208 25.33 22.59 -18.94
N LEU E 209 26.54 22.80 -18.41
CA LEU E 209 26.65 23.48 -17.12
C LEU E 209 26.04 24.88 -17.17
N THR E 210 26.31 25.62 -18.24
CA THR E 210 25.85 27.00 -18.31
C THR E 210 24.35 27.09 -18.53
N ILE E 211 23.78 26.20 -19.34
CA ILE E 211 22.33 26.18 -19.48
C ILE E 211 21.67 25.86 -18.13
N THR E 212 22.22 24.89 -17.39
CA THR E 212 21.65 24.56 -16.09
C THR E 212 21.74 25.73 -15.12
N ALA E 213 22.88 26.43 -15.11
CA ALA E 213 23.02 27.59 -14.22
C ALA E 213 22.01 28.67 -14.57
N ILE E 214 21.84 28.96 -15.86
CA ILE E 214 20.87 29.99 -16.24
C ILE E 214 19.46 29.56 -15.85
N ALA E 215 19.17 28.28 -15.96
CA ALA E 215 17.85 27.79 -15.54
C ALA E 215 17.65 28.01 -14.05
N GLN E 216 18.68 27.77 -13.24
CA GLN E 216 18.54 28.03 -11.81
C GLN E 216 18.53 29.52 -11.48
N LEU E 217 19.00 30.36 -12.40
CA LEU E 217 19.15 31.78 -12.12
C LEU E 217 17.82 32.53 -12.10
N PHE E 218 16.77 31.95 -12.68
CA PHE E 218 15.48 32.64 -12.75
C PHE E 218 14.54 32.27 -11.61
N LEU E 219 14.59 31.04 -11.11
CA LEU E 219 13.76 30.67 -9.97
C LEU E 219 14.14 31.48 -8.75
N LEU E 220 15.42 31.49 -8.40
CA LEU E 220 15.90 32.37 -7.35
C LEU E 220 15.98 33.77 -7.92
N GLY E 221 15.38 34.73 -7.24
CA GLY E 221 15.17 36.03 -7.85
C GLY E 221 16.43 36.85 -8.01
N CYS E 222 17.41 36.31 -8.73
CA CYS E 222 18.69 36.96 -8.88
C CYS E 222 18.72 37.92 -10.07
N THR E 223 17.70 37.92 -10.90
CA THR E 223 17.59 38.91 -11.96
C THR E 223 16.90 40.18 -11.50
N TRP E 224 16.46 40.22 -10.25
CA TRP E 224 15.87 41.40 -9.64
C TRP E 224 16.90 42.20 -8.85
N VAL E 225 18.15 42.17 -9.27
CA VAL E 225 19.18 42.91 -8.54
C VAL E 225 19.43 44.27 -9.17
N PHE E 226 19.48 44.35 -10.50
CA PHE E 226 19.76 45.63 -11.16
C PHE E 226 18.83 46.72 -10.66
N GLY E 227 17.54 46.44 -10.66
CA GLY E 227 16.54 47.44 -10.33
C GLY E 227 16.68 48.03 -8.94
N LEU E 228 17.61 47.54 -8.14
CA LEU E 228 17.80 48.16 -6.85
C LEU E 228 18.56 49.48 -6.94
N PHE E 229 19.05 49.85 -8.13
CA PHE E 229 19.89 51.03 -8.28
C PHE E 229 19.32 52.05 -9.25
N ILE E 230 18.00 52.23 -9.29
CA ILE E 230 17.37 53.21 -10.18
C ILE E 230 16.99 54.40 -9.30
N PHE E 231 17.87 55.41 -9.24
CA PHE E 231 17.58 56.53 -8.35
C PHE E 231 17.91 57.91 -8.91
N ASP E 232 17.86 58.09 -10.24
CA ASP E 232 18.08 59.33 -10.96
C ASP E 232 17.43 59.20 -12.33
N ASP E 233 17.76 60.14 -13.21
CA ASP E 233 17.55 59.95 -14.65
C ASP E 233 18.79 59.44 -15.36
N ARG E 234 19.94 59.41 -14.68
CA ARG E 234 21.18 58.95 -15.31
C ARG E 234 21.08 57.48 -15.72
N SER E 235 20.71 56.62 -14.76
CA SER E 235 20.86 55.19 -14.91
C SER E 235 19.87 54.63 -15.91
N LEU E 236 20.05 54.96 -17.19
CA LEU E 236 19.14 54.45 -18.20
C LEU E 236 19.39 52.98 -18.51
N VAL E 237 20.66 52.58 -18.62
CA VAL E 237 20.98 51.22 -19.06
C VAL E 237 20.50 50.19 -18.04
N LEU E 238 20.72 50.47 -16.74
CA LEU E 238 20.26 49.54 -15.71
C LEU E 238 18.74 49.40 -15.74
N THR E 239 18.02 50.50 -15.89
CA THR E 239 16.57 50.44 -15.98
C THR E 239 16.13 49.62 -17.17
N TYR E 240 16.79 49.81 -18.32
CA TYR E 240 16.40 49.09 -19.52
C TYR E 240 16.61 47.60 -19.36
N VAL E 241 17.77 47.20 -18.82
CA VAL E 241 18.03 45.78 -18.66
C VAL E 241 17.05 45.17 -17.67
N PHE E 242 16.73 45.90 -16.59
CA PHE E 242 15.75 45.41 -15.63
C PHE E 242 14.41 45.15 -16.30
N THR E 243 13.91 46.14 -17.04
CA THR E 243 12.60 46.02 -17.67
C THR E 243 12.58 44.84 -18.65
N ILE E 244 13.58 44.77 -19.55
CA ILE E 244 13.58 43.75 -20.58
C ILE E 244 13.63 42.36 -19.96
N LEU E 245 14.51 42.17 -18.98
CA LEU E 245 14.68 40.84 -18.40
C LEU E 245 13.44 40.41 -17.61
N ASN E 246 12.94 41.28 -16.74
CA ASN E 246 11.86 40.88 -15.85
C ASN E 246 10.49 40.91 -16.50
N CYS E 247 10.37 41.41 -17.73
CA CYS E 247 9.08 41.30 -18.41
C CYS E 247 8.85 39.96 -19.09
N LEU E 248 9.83 39.05 -19.09
CA LEU E 248 9.70 37.74 -19.71
C LEU E 248 10.00 36.61 -18.72
N GLN E 249 9.72 36.87 -17.44
CA GLN E 249 10.04 35.92 -16.38
C GLN E 249 9.40 34.57 -16.64
N GLY E 250 8.09 34.57 -16.90
CA GLY E 250 7.39 33.31 -17.08
C GLY E 250 7.68 32.64 -18.40
N ALA E 251 7.94 33.43 -19.45
CA ALA E 251 8.33 32.85 -20.71
C ALA E 251 9.61 32.05 -20.55
N PHE E 252 10.61 32.64 -19.89
CA PHE E 252 11.83 31.89 -19.64
C PHE E 252 11.62 30.73 -18.68
N LEU E 253 10.72 30.86 -17.70
CA LEU E 253 10.45 29.73 -16.82
C LEU E 253 9.89 28.55 -17.61
N TYR E 254 8.92 28.81 -18.48
CA TYR E 254 8.33 27.73 -19.26
C TYR E 254 9.34 27.15 -20.23
N LEU E 255 10.21 27.98 -20.80
CA LEU E 255 11.22 27.46 -21.72
C LEU E 255 12.23 26.57 -21.00
N LEU E 256 12.70 26.98 -19.82
CA LEU E 256 13.81 26.32 -19.16
C LEU E 256 13.39 25.29 -18.12
N HIS E 257 12.09 25.12 -17.85
CA HIS E 257 11.66 24.19 -16.82
C HIS E 257 10.53 23.27 -17.24
N CYS E 258 9.92 23.47 -18.41
CA CYS E 258 8.88 22.57 -18.89
C CYS E 258 9.22 21.93 -20.22
N LEU E 259 9.67 22.72 -21.19
CA LEU E 259 9.91 22.17 -22.52
C LEU E 259 11.16 21.31 -22.56
N LEU E 260 12.19 21.68 -21.81
CA LEU E 260 13.43 20.92 -21.81
C LEU E 260 13.36 19.65 -20.98
N ASN E 261 12.28 19.43 -20.23
CA ASN E 261 12.14 18.25 -19.41
C ASN E 261 11.64 17.08 -20.26
N LYS E 262 12.41 15.99 -20.29
CA LYS E 262 12.05 14.86 -21.14
C LYS E 262 10.75 14.22 -20.68
N LYS E 263 10.55 14.08 -19.38
CA LYS E 263 9.31 13.50 -18.87
C LYS E 263 8.12 14.35 -19.28
N VAL E 264 8.25 15.68 -19.17
CA VAL E 264 7.17 16.57 -19.58
C VAL E 264 6.92 16.44 -21.07
N ARG E 265 7.98 16.33 -21.87
CA ARG E 265 7.80 16.15 -23.31
C ARG E 265 7.01 14.90 -23.62
N GLU E 266 7.39 13.77 -23.02
CA GLU E 266 6.70 12.51 -23.29
C GLU E 266 5.25 12.58 -22.84
N GLU E 267 5.01 13.07 -21.62
CA GLU E 267 3.64 13.12 -21.10
C GLU E 267 2.79 14.07 -21.92
N TYR E 268 3.34 15.21 -22.34
CA TYR E 268 2.59 16.16 -23.15
C TYR E 268 2.26 15.57 -24.51
N ARG E 269 3.21 14.85 -25.12
CA ARG E 269 2.92 14.21 -26.39
C ARG E 269 1.80 13.18 -26.25
N LYS E 270 1.85 12.38 -25.18
CA LYS E 270 0.80 11.40 -24.96
C LYS E 270 -0.55 12.08 -24.72
N TRP E 271 -0.55 13.15 -23.94
CA TRP E 271 -1.79 13.87 -23.65
C TRP E 271 -2.39 14.48 -24.91
N ALA E 272 -1.54 15.07 -25.76
CA ALA E 272 -2.01 15.66 -27.01
C ALA E 272 -2.55 14.58 -27.95
N CYS E 273 -1.88 13.42 -28.00
CA CYS E 273 -2.40 12.32 -28.81
C CYS E 273 -3.74 11.84 -28.30
N LEU E 274 -3.89 11.74 -26.97
CA LEU E 274 -5.17 11.33 -26.40
C LEU E 274 -6.20 12.43 -26.49
N VAL E 275 -5.81 13.67 -26.22
CA VAL E 275 -6.73 14.80 -26.27
C VAL E 275 -5.97 16.09 -26.57
#